data_6N85
#
_entry.id   6N85
#
_cell.length_a   65.740
_cell.length_b   91.920
_cell.length_c   86.230
_cell.angle_alpha   90.00
_cell.angle_beta   112.30
_cell.angle_gamma   90.00
#
_symmetry.space_group_name_H-M   'P 1 21 1'
#
loop_
_entity.id
_entity.type
_entity.pdbx_description
1 polymer Synembryn-A
2 polymer 'Maltose/maltodextrin-binding periplasmic protein,Guanine nucleotide-binding protein G(t) subunit alpha-2'
3 branched alpha-D-glucopyranose-(1-4)-alpha-D-glucopyranose
4 water water
#
loop_
_entity_poly.entity_id
_entity_poly.type
_entity_poly.pdbx_seq_one_letter_code
_entity_poly.pdbx_strand_id
1 'polypeptide(L)'
;MGSSHHHHHHSSGLVPRGSHMEPRAVADALETGEEDVVMEALRAYNRENSQSFTFDDAQQEDRKRLAKLLVSVLEQGLPP
SRRVIWLQSIRILSRDRSCLDSFTSRRSLQALACYAGISASQGSVPEPLNMDVVLESLKCLCNLVLSSPVAQALAAEAGL
VVRLAERVGLCRQSSFPHDVQFFDLRLLFLLTALRTDVRQQLFQELQGVRLLTRALELTLGMTEGERHPELLPPQETERA
MEILKVLFNITFDSIKREVDEEDAALYRHLGTLLRHCVMLAAAGDRTEELHGHAVNLLGNLPVKCLDVLLTLEPHEGSLE
FLGVNMDVIRVLLSFMEKRLHQTHRLKESVAPVLSVLTECARMHRPARKFLKAQVLPPLRDVRTRPEVGELLRNKLVRLM
THLDTDVKRVAAEFLFVLCSESVPRFIKYTGYGNAAGLLAARGLMAGGRPEGQYSEDEDTDTDEYKEAKASINPVTGRVA
AAPPNPMEGMTEEQKEHEAMKLVNMFDKLSRH
;
B
2 'polypeptide(L)'
;MGSSHHHHHHSSGLVPRGSHMKIEEGKLVIWINGDKGYNGLAEVGKKFEKDTGIKVTVEHPDKLEEKFPQVAATGDGPDI
IFWAHDRFGGYAQSGLLAEITPAAAFQDKLYPFTWDAVRYNGKLIAYPIAVEALSLIYNKDLLPNPPKTWEEIPALDKEL
KAKGKSALMFNLQEPYFTWPLIAADGGYAFKYAAGKYDIKDVGVDNAGAKAGLTFLVDLIKNKHMNADTDYSIAEHAFNH
GETAMTINGPWAWSNIDTSAVNYGVTVLPTFKGQPSKPFVGVLSAGINAASPNKELAKEFLENYLLTDEGLEAVNKDKPL
GAVALKSYEEELAKDPRIAATMENAQKGEIMPNIPQMSAFWYAVRTAVINAASGRQTVDEALKDAQTAAAHNVKFVFDAV
TDIIIKENLKDCGLF
;
M
#
loop_
_chem_comp.id
_chem_comp.type
_chem_comp.name
_chem_comp.formula
GLC D-saccharide, alpha linking alpha-D-glucopyranose 'C6 H12 O6'
#
# COMPACT_ATOMS: atom_id res chain seq x y z
N MET A 21 33.11 -0.95 -16.66
CA MET A 21 32.09 -0.30 -17.47
C MET A 21 31.15 0.55 -16.63
N GLU A 22 31.14 1.84 -16.89
CA GLU A 22 30.27 2.79 -16.21
C GLU A 22 28.98 3.01 -17.00
N PRO A 23 27.92 3.46 -16.33
CA PRO A 23 26.65 3.67 -17.04
C PRO A 23 26.74 4.65 -18.19
N ARG A 24 27.49 5.75 -18.04
CA ARG A 24 27.61 6.70 -19.14
C ARG A 24 28.30 6.08 -20.35
N ALA A 25 29.34 5.28 -20.11
CA ALA A 25 30.06 4.66 -21.21
C ALA A 25 29.19 3.64 -21.93
N VAL A 26 28.50 2.79 -21.16
CA VAL A 26 27.62 1.77 -21.77
C VAL A 26 26.53 2.44 -22.59
N ALA A 27 25.96 3.53 -22.07
CA ALA A 27 24.95 4.27 -22.83
C ALA A 27 25.54 4.87 -24.10
N ASP A 28 26.81 5.28 -24.07
CA ASP A 28 27.44 5.83 -25.26
C ASP A 28 27.58 4.78 -26.35
N ALA A 29 27.90 3.54 -25.97
CA ALA A 29 28.07 2.48 -26.95
C ALA A 29 26.76 2.18 -27.68
N LEU A 30 25.65 2.13 -26.95
CA LEU A 30 24.36 1.81 -27.55
C LEU A 30 23.98 2.81 -28.63
N GLU A 31 24.29 4.09 -28.42
CA GLU A 31 23.94 5.12 -29.39
C GLU A 31 24.85 5.08 -30.61
N THR A 32 26.16 5.22 -30.39
CA THR A 32 27.15 5.32 -31.47
C THR A 32 28.09 4.12 -31.36
N GLY A 33 27.61 2.96 -31.79
CA GLY A 33 28.38 1.75 -31.65
C GLY A 33 27.95 0.69 -32.64
N GLU A 34 28.93 -0.11 -33.07
CA GLU A 34 28.67 -1.25 -33.93
C GLU A 34 28.02 -2.38 -33.12
N GLU A 35 27.45 -3.34 -33.85
CA GLU A 35 26.75 -4.45 -33.22
C GLU A 35 27.66 -5.20 -32.23
N ASP A 36 28.90 -5.44 -32.63
CA ASP A 36 29.81 -6.22 -31.77
C ASP A 36 30.31 -5.41 -30.58
N VAL A 37 30.30 -4.08 -30.66
CA VAL A 37 30.78 -3.27 -29.56
C VAL A 37 29.68 -2.89 -28.57
N VAL A 38 28.42 -2.91 -29.00
CA VAL A 38 27.33 -2.66 -28.05
C VAL A 38 27.05 -3.90 -27.22
N MET A 39 27.32 -5.08 -27.76
CA MET A 39 27.09 -6.31 -27.02
C MET A 39 28.15 -6.53 -25.95
N GLU A 40 29.41 -6.23 -26.27
CA GLU A 40 30.46 -6.32 -25.26
C GLU A 40 30.26 -5.30 -24.16
N ALA A 41 29.77 -4.10 -24.51
CA ALA A 41 29.52 -3.08 -23.51
C ALA A 41 28.45 -3.55 -22.52
N LEU A 42 27.37 -4.15 -23.02
CA LEU A 42 26.36 -4.71 -22.15
C LEU A 42 26.87 -5.96 -21.44
N ARG A 43 27.64 -6.78 -22.16
CA ARG A 43 28.20 -8.00 -21.57
C ARG A 43 29.07 -7.68 -20.37
N ALA A 44 29.88 -6.61 -20.46
CA ALA A 44 30.73 -6.23 -19.35
C ALA A 44 29.94 -5.59 -18.23
N TYR A 45 28.92 -4.79 -18.57
CA TYR A 45 28.08 -4.19 -17.54
C TYR A 45 27.31 -5.26 -16.77
N ASN A 46 26.86 -6.30 -17.47
CA ASN A 46 26.14 -7.37 -16.81
C ASN A 46 27.05 -8.16 -15.87
N ARG A 47 28.32 -8.33 -16.25
CA ARG A 47 29.28 -8.98 -15.37
C ARG A 47 29.53 -8.16 -14.12
N GLU A 48 29.83 -6.87 -14.29
CA GLU A 48 30.17 -6.02 -13.16
C GLU A 48 29.00 -5.80 -12.20
N ASN A 49 27.76 -5.96 -12.67
CA ASN A 49 26.60 -5.60 -11.87
C ASN A 49 25.56 -6.71 -11.80
N SER A 50 25.95 -7.96 -12.04
CA SER A 50 25.00 -9.06 -11.92
C SER A 50 24.48 -9.21 -10.50
N GLN A 51 25.20 -8.69 -9.50
CA GLN A 51 24.76 -8.71 -8.11
C GLN A 51 24.64 -7.32 -7.53
N SER A 52 24.50 -6.29 -8.38
CA SER A 52 24.32 -4.93 -7.91
C SER A 52 22.86 -4.69 -7.54
N PHE A 53 22.63 -4.37 -6.27
CA PHE A 53 21.30 -4.00 -5.80
C PHE A 53 21.25 -2.63 -5.13
N THR A 54 22.38 -2.10 -4.71
CA THR A 54 22.52 -0.70 -4.34
C THR A 54 23.17 0.05 -5.50
N PHE A 55 22.74 1.30 -5.70
CA PHE A 55 23.19 2.09 -6.83
C PHE A 55 23.65 3.47 -6.38
N ASP A 56 24.75 3.93 -6.96
CA ASP A 56 25.29 5.24 -6.61
C ASP A 56 24.38 6.34 -7.16
N ASP A 57 23.99 7.27 -6.28
CA ASP A 57 23.10 8.35 -6.69
C ASP A 57 23.77 9.34 -7.63
N ALA A 58 25.11 9.33 -7.71
CA ALA A 58 25.82 10.25 -8.60
C ALA A 58 25.49 9.96 -10.06
N GLN A 59 25.64 8.70 -10.47
CA GLN A 59 25.43 8.32 -11.87
C GLN A 59 23.97 7.93 -12.10
N GLN A 60 23.06 8.61 -11.40
CA GLN A 60 21.65 8.26 -11.51
C GLN A 60 21.09 8.58 -12.89
N GLU A 61 21.37 9.78 -13.39
CA GLU A 61 20.85 10.16 -14.71
C GLU A 61 21.56 9.41 -15.83
N ASP A 62 22.80 8.96 -15.60
CA ASP A 62 23.47 8.10 -16.56
C ASP A 62 22.73 6.77 -16.72
N ARG A 63 22.29 6.19 -15.62
CA ARG A 63 21.58 4.91 -15.68
C ARG A 63 20.20 5.09 -16.31
N LYS A 64 19.52 6.22 -16.02
CA LYS A 64 18.22 6.46 -16.61
C LYS A 64 18.32 6.67 -18.13
N ARG A 65 19.41 7.31 -18.58
CA ARG A 65 19.63 7.44 -20.01
C ARG A 65 19.88 6.07 -20.64
N LEU A 66 20.71 5.25 -20.01
CA LEU A 66 20.95 3.90 -20.50
C LEU A 66 19.67 3.08 -20.47
N ALA A 67 18.85 3.25 -19.43
CA ALA A 67 17.61 2.49 -19.34
C ALA A 67 16.64 2.85 -20.45
N LYS A 68 16.59 4.13 -20.83
CA LYS A 68 15.69 4.54 -21.91
C LYS A 68 16.16 4.03 -23.26
N LEU A 69 17.47 3.85 -23.44
CA LEU A 69 17.97 3.24 -24.67
C LEU A 69 17.63 1.76 -24.73
N LEU A 70 17.72 1.06 -23.58
CA LEU A 70 17.37 -0.35 -23.54
C LEU A 70 15.88 -0.55 -23.82
N VAL A 71 15.04 0.34 -23.31
CA VAL A 71 13.60 0.18 -23.49
C VAL A 71 13.19 0.49 -24.93
N SER A 72 13.89 1.43 -25.59
CA SER A 72 13.55 1.76 -26.96
C SER A 72 13.73 0.57 -27.88
N VAL A 73 14.83 -0.17 -27.72
CA VAL A 73 15.05 -1.35 -28.54
C VAL A 73 14.12 -2.48 -28.12
N LEU A 74 13.85 -2.59 -26.82
CA LEU A 74 12.90 -3.60 -26.34
C LEU A 74 11.51 -3.37 -26.92
N GLU A 75 11.05 -2.12 -26.93
CA GLU A 75 9.74 -1.81 -27.49
C GLU A 75 9.73 -2.03 -29.00
N GLN A 76 10.82 -1.69 -29.69
CA GLN A 76 10.91 -1.96 -31.11
C GLN A 76 10.92 -3.45 -31.39
N GLY A 77 11.64 -4.22 -30.58
CA GLY A 77 11.79 -5.66 -30.79
C GLY A 77 13.28 -5.98 -30.88
N LEU A 78 13.69 -6.94 -30.07
CA LEU A 78 15.09 -7.35 -30.06
C LEU A 78 15.31 -8.47 -31.07
N PRO A 79 16.45 -8.49 -31.76
CA PRO A 79 16.79 -9.66 -32.58
C PRO A 79 17.18 -10.83 -31.69
N PRO A 80 16.91 -12.06 -32.13
CA PRO A 80 17.15 -13.22 -31.25
C PRO A 80 18.60 -13.38 -30.83
N SER A 81 19.54 -12.74 -31.52
CA SER A 81 20.95 -12.85 -31.14
C SER A 81 21.22 -12.20 -29.80
N ARG A 82 20.69 -11.00 -29.57
CA ARG A 82 21.02 -10.19 -28.41
C ARG A 82 19.89 -10.13 -27.39
N ARG A 83 19.16 -11.21 -27.19
CA ARG A 83 17.98 -11.12 -26.34
C ARG A 83 18.27 -11.41 -24.88
N VAL A 84 19.03 -12.47 -24.59
CA VAL A 84 19.35 -12.79 -23.20
C VAL A 84 20.19 -11.69 -22.58
N ILE A 85 21.07 -11.07 -23.36
CA ILE A 85 21.97 -10.05 -22.84
C ILE A 85 21.21 -8.74 -22.62
N TRP A 86 20.27 -8.41 -23.50
CA TRP A 86 19.50 -7.18 -23.35
C TRP A 86 18.59 -7.24 -22.14
N LEU A 87 17.91 -8.37 -21.94
CA LEU A 87 17.00 -8.50 -20.81
C LEU A 87 17.74 -8.49 -19.48
N GLN A 88 18.94 -9.09 -19.44
CA GLN A 88 19.72 -9.08 -18.22
C GLN A 88 20.10 -7.66 -17.81
N SER A 89 20.43 -6.80 -18.79
CA SER A 89 20.70 -5.41 -18.49
C SER A 89 19.46 -4.71 -17.95
N ILE A 90 18.30 -5.00 -18.54
CA ILE A 90 17.06 -4.42 -18.05
C ILE A 90 16.73 -4.95 -16.65
N ARG A 91 16.96 -6.24 -16.41
CA ARG A 91 16.70 -6.81 -15.10
C ARG A 91 17.57 -6.15 -14.04
N ILE A 92 18.84 -5.88 -14.36
CA ILE A 92 19.73 -5.21 -13.42
C ILE A 92 19.23 -3.80 -13.14
N LEU A 93 18.89 -3.05 -14.20
CA LEU A 93 18.46 -1.67 -14.03
C LEU A 93 17.10 -1.60 -13.33
N SER A 94 16.24 -2.60 -13.51
CA SER A 94 14.94 -2.62 -12.84
C SER A 94 15.07 -2.73 -11.34
N ARG A 95 16.25 -3.07 -10.82
CA ARG A 95 16.49 -3.06 -9.38
C ARG A 95 16.64 -1.66 -8.81
N ASP A 96 16.71 -0.63 -9.66
CA ASP A 96 16.90 0.75 -9.25
C ASP A 96 15.57 1.49 -9.35
N ARG A 97 15.19 2.16 -8.26
CA ARG A 97 13.94 2.92 -8.24
C ARG A 97 13.93 4.03 -9.27
N SER A 98 15.10 4.61 -9.58
CA SER A 98 15.16 5.74 -10.50
C SER A 98 14.91 5.32 -11.94
N CYS A 99 15.48 4.19 -12.37
CA CYS A 99 15.27 3.68 -13.71
C CYS A 99 13.94 2.95 -13.87
N LEU A 100 13.21 2.77 -12.77
CA LEU A 100 12.01 1.93 -12.75
C LEU A 100 10.98 2.41 -13.75
N ASP A 101 10.59 3.69 -13.66
CA ASP A 101 9.52 4.23 -14.50
C ASP A 101 9.87 4.22 -15.98
N SER A 102 11.14 4.01 -16.34
CA SER A 102 11.50 3.91 -17.75
C SER A 102 11.02 2.59 -18.35
N PHE A 103 10.95 1.53 -17.54
CA PHE A 103 10.55 0.21 -18.03
C PHE A 103 9.06 -0.07 -17.90
N THR A 104 8.31 0.79 -17.22
CA THR A 104 6.91 0.50 -16.91
C THR A 104 5.99 1.28 -17.86
N SER A 105 5.97 0.82 -19.10
CA SER A 105 5.02 1.28 -20.10
C SER A 105 4.31 0.08 -20.68
N ARG A 106 3.20 0.34 -21.38
CA ARG A 106 2.43 -0.77 -21.96
C ARG A 106 3.25 -1.54 -22.98
N ARG A 107 3.89 -0.82 -23.91
CA ARG A 107 4.70 -1.49 -24.93
C ARG A 107 5.83 -2.29 -24.30
N SER A 108 6.47 -1.74 -23.27
CA SER A 108 7.56 -2.46 -22.61
C SER A 108 7.05 -3.71 -21.90
N LEU A 109 5.96 -3.57 -21.14
CA LEU A 109 5.41 -4.74 -20.45
C LEU A 109 4.81 -5.73 -21.43
N GLN A 110 4.35 -5.27 -22.59
CA GLN A 110 3.87 -6.19 -23.61
C GLN A 110 5.03 -6.95 -24.25
N ALA A 111 6.17 -6.28 -24.43
CA ALA A 111 7.33 -6.96 -25.00
C ALA A 111 7.87 -8.02 -24.05
N LEU A 112 7.98 -7.68 -22.76
CA LEU A 112 8.45 -8.66 -21.78
C LEU A 112 7.48 -9.83 -21.65
N ALA A 113 6.18 -9.56 -21.70
CA ALA A 113 5.20 -10.64 -21.62
C ALA A 113 5.29 -11.55 -22.85
N CYS A 114 5.48 -10.96 -24.04
CA CYS A 114 5.62 -11.77 -25.24
C CYS A 114 6.87 -12.63 -25.18
N TYR A 115 7.99 -12.05 -24.73
CA TYR A 115 9.23 -12.82 -24.58
C TYR A 115 9.13 -13.86 -23.49
N ALA A 116 8.25 -13.69 -22.52
CA ALA A 116 8.04 -14.68 -21.47
C ALA A 116 7.03 -15.76 -21.86
N GLY A 117 6.37 -15.61 -23.00
CA GLY A 117 5.36 -16.57 -23.42
C GLY A 117 4.03 -16.44 -22.74
N ILE A 118 3.80 -15.37 -21.98
CA ILE A 118 2.57 -15.19 -21.22
C ILE A 118 1.73 -14.04 -21.75
N SER A 119 2.08 -13.50 -22.92
CA SER A 119 1.27 -12.45 -23.53
C SER A 119 -0.01 -13.03 -24.09
N ALA A 120 -1.10 -12.25 -24.00
CA ALA A 120 -2.37 -12.69 -24.55
C ALA A 120 -2.44 -12.55 -26.06
N SER A 121 -1.60 -11.70 -26.65
CA SER A 121 -1.60 -11.49 -28.09
C SER A 121 -1.05 -12.70 -28.84
N GLU A 127 6.18 -17.72 -32.97
CA GLU A 127 7.61 -17.74 -32.66
C GLU A 127 7.89 -18.68 -31.48
N PRO A 128 8.95 -19.48 -31.59
CA PRO A 128 9.32 -20.35 -30.48
C PRO A 128 9.88 -19.54 -29.32
N LEU A 129 9.99 -20.20 -28.17
CA LEU A 129 10.43 -19.57 -26.94
C LEU A 129 11.86 -20.00 -26.63
N ASN A 130 12.72 -19.03 -26.31
CA ASN A 130 14.04 -19.31 -25.76
C ASN A 130 13.91 -19.38 -24.25
N MET A 131 14.32 -20.52 -23.67
CA MET A 131 14.14 -20.71 -22.24
C MET A 131 14.95 -19.72 -21.42
N ASP A 132 16.10 -19.28 -21.93
CA ASP A 132 16.86 -18.25 -21.24
C ASP A 132 16.18 -16.89 -21.36
N VAL A 133 15.53 -16.63 -22.50
CA VAL A 133 14.79 -15.38 -22.66
C VAL A 133 13.55 -15.37 -21.80
N VAL A 134 12.85 -16.51 -21.73
CA VAL A 134 11.68 -16.62 -20.86
C VAL A 134 12.07 -16.39 -19.41
N LEU A 135 13.17 -17.01 -18.97
CA LEU A 135 13.60 -16.85 -17.58
C LEU A 135 13.93 -15.41 -17.25
N GLU A 136 14.63 -14.71 -18.16
CA GLU A 136 14.98 -13.32 -17.90
C GLU A 136 13.76 -12.40 -17.97
N SER A 137 12.80 -12.71 -18.85
CA SER A 137 11.62 -11.87 -18.96
C SER A 137 10.74 -11.98 -17.72
N LEU A 138 10.60 -13.19 -17.19
CA LEU A 138 9.83 -13.37 -15.95
C LEU A 138 10.49 -12.65 -14.79
N LYS A 139 11.81 -12.73 -14.68
CA LYS A 139 12.51 -12.00 -13.62
C LYS A 139 12.32 -10.50 -13.77
N CYS A 140 12.40 -9.99 -15.00
CA CYS A 140 12.14 -8.58 -15.24
C CYS A 140 10.73 -8.21 -14.80
N LEU A 141 9.74 -9.03 -15.20
CA LEU A 141 8.36 -8.73 -14.85
C LEU A 141 8.13 -8.79 -13.34
N CYS A 142 8.76 -9.76 -12.66
CA CYS A 142 8.63 -9.84 -11.21
C CYS A 142 9.17 -8.59 -10.53
N ASN A 143 10.30 -8.08 -11.01
CA ASN A 143 10.89 -6.88 -10.41
C ASN A 143 9.98 -5.67 -10.60
N LEU A 144 9.49 -5.47 -11.82
CA LEU A 144 8.65 -4.30 -12.10
C LEU A 144 7.31 -4.39 -11.38
N VAL A 145 6.69 -5.58 -11.36
CA VAL A 145 5.42 -5.73 -10.65
C VAL A 145 5.62 -5.56 -9.15
N LEU A 146 6.70 -6.11 -8.61
CA LEU A 146 6.96 -5.96 -7.17
C LEU A 146 7.18 -4.50 -6.79
N SER A 147 7.82 -3.74 -7.66
CA SER A 147 8.31 -2.42 -7.28
C SER A 147 7.42 -1.26 -7.73
N SER A 148 6.54 -1.47 -8.70
CA SER A 148 5.85 -0.36 -9.37
C SER A 148 4.34 -0.61 -9.44
N PRO A 149 3.53 0.21 -8.76
CA PRO A 149 2.07 0.08 -8.91
C PRO A 149 1.60 0.30 -10.34
N VAL A 150 2.23 1.20 -11.08
CA VAL A 150 1.89 1.37 -12.49
C VAL A 150 2.09 0.07 -13.24
N ALA A 151 3.22 -0.60 -12.99
CA ALA A 151 3.46 -1.91 -13.58
C ALA A 151 2.40 -2.92 -13.16
N GLN A 152 2.00 -2.88 -11.88
CA GLN A 152 0.92 -3.76 -11.41
C GLN A 152 -0.37 -3.48 -12.13
N ALA A 153 -0.68 -2.19 -12.35
CA ALA A 153 -1.91 -1.82 -13.04
C ALA A 153 -1.88 -2.25 -14.50
N LEU A 154 -0.75 -2.03 -15.18
CA LEU A 154 -0.64 -2.45 -16.58
C LEU A 154 -0.65 -3.98 -16.71
N ALA A 155 -0.09 -4.68 -15.72
CA ALA A 155 -0.12 -6.14 -15.75
C ALA A 155 -1.52 -6.68 -15.54
N ALA A 156 -2.33 -6.00 -14.72
CA ALA A 156 -3.74 -6.38 -14.58
C ALA A 156 -4.48 -6.15 -15.89
N GLU A 157 -4.31 -4.98 -16.49
CA GLU A 157 -4.95 -4.67 -17.76
C GLU A 157 -4.56 -5.67 -18.84
N ALA A 158 -3.27 -6.00 -18.93
CA ALA A 158 -2.79 -6.92 -19.97
C ALA A 158 -3.28 -8.34 -19.79
N GLY A 159 -3.81 -8.69 -18.62
CA GLY A 159 -4.32 -10.03 -18.39
C GLY A 159 -3.27 -11.11 -18.41
N LEU A 160 -2.09 -10.83 -17.86
CA LEU A 160 -1.00 -11.82 -17.85
C LEU A 160 -1.38 -13.05 -17.05
N VAL A 161 -2.29 -12.92 -16.09
CA VAL A 161 -2.64 -14.03 -15.20
C VAL A 161 -3.24 -15.19 -15.98
N VAL A 162 -3.85 -14.92 -17.13
CA VAL A 162 -4.52 -15.96 -17.89
C VAL A 162 -3.50 -16.98 -18.41
N ARG A 163 -2.51 -16.51 -19.16
CA ARG A 163 -1.49 -17.41 -19.68
C ARG A 163 -0.59 -17.95 -18.58
N LEU A 164 -0.39 -17.16 -17.51
CA LEU A 164 0.40 -17.64 -16.38
C LEU A 164 -0.23 -18.84 -15.72
N ALA A 165 -1.54 -18.74 -15.39
CA ALA A 165 -2.23 -19.86 -14.75
C ALA A 165 -2.26 -21.08 -15.65
N GLU A 166 -2.42 -20.86 -16.96
CA GLU A 166 -2.46 -21.98 -17.90
C GLU A 166 -1.15 -22.75 -17.90
N ARG A 167 -0.03 -22.03 -18.04
CA ARG A 167 1.27 -22.69 -18.02
C ARG A 167 1.55 -23.34 -16.67
N VAL A 168 1.12 -22.70 -15.58
CA VAL A 168 1.22 -23.33 -14.27
C VAL A 168 0.34 -24.57 -14.22
N GLY A 169 -0.81 -24.54 -14.90
CA GLY A 169 -1.71 -25.67 -14.95
C GLY A 169 -1.30 -26.80 -15.84
N LEU A 170 -0.18 -26.67 -16.57
CA LEU A 170 0.27 -27.74 -17.46
C LEU A 170 0.60 -29.00 -16.66
N CYS A 171 1.24 -28.82 -15.51
CA CYS A 171 1.51 -29.91 -14.55
C CYS A 171 2.48 -30.91 -15.21
N ARG A 172 2.30 -32.21 -14.99
CA ARG A 172 3.19 -33.25 -15.54
C ARG A 172 3.28 -33.21 -17.06
N GLN A 173 2.38 -32.51 -17.73
CA GLN A 173 2.41 -32.35 -19.18
C GLN A 173 3.50 -31.39 -19.66
N SER A 174 4.31 -30.82 -18.76
CA SER A 174 5.23 -29.75 -19.11
C SER A 174 6.66 -30.16 -18.78
N SER A 175 7.55 -29.97 -19.76
CA SER A 175 8.99 -30.10 -19.55
C SER A 175 9.66 -28.77 -19.23
N PHE A 176 8.89 -27.78 -18.80
CA PHE A 176 9.47 -26.50 -18.43
C PHE A 176 10.41 -26.67 -17.23
N PRO A 177 11.54 -25.97 -17.21
CA PRO A 177 12.49 -26.15 -16.11
C PRO A 177 11.94 -25.60 -14.80
N HIS A 178 12.63 -25.96 -13.71
CA HIS A 178 12.20 -25.52 -12.39
C HIS A 178 12.20 -24.00 -12.28
N ASP A 179 13.19 -23.34 -12.89
CA ASP A 179 13.28 -21.89 -12.79
C ASP A 179 12.06 -21.21 -13.39
N VAL A 180 11.70 -21.59 -14.61
CA VAL A 180 10.53 -21.00 -15.26
C VAL A 180 9.27 -21.26 -14.43
N GLN A 181 9.13 -22.47 -13.89
CA GLN A 181 7.94 -22.79 -13.10
C GLN A 181 7.90 -22.01 -11.80
N PHE A 182 9.07 -21.76 -11.19
CA PHE A 182 9.09 -21.01 -9.94
C PHE A 182 8.73 -19.55 -10.17
N PHE A 183 9.27 -18.92 -11.22
CA PHE A 183 9.03 -17.51 -11.47
C PHE A 183 7.65 -17.23 -12.05
N ASP A 184 7.01 -18.22 -12.68
CA ASP A 184 5.59 -18.09 -13.00
C ASP A 184 4.76 -18.00 -11.72
N LEU A 185 5.05 -18.88 -10.76
CA LEU A 185 4.34 -18.85 -9.49
C LEU A 185 4.65 -17.57 -8.73
N ARG A 186 5.92 -17.16 -8.68
CA ARG A 186 6.28 -15.92 -8.02
C ARG A 186 5.56 -14.73 -8.66
N LEU A 187 5.53 -14.68 -9.98
CA LEU A 187 4.76 -13.64 -10.66
C LEU A 187 3.27 -13.81 -10.38
N LEU A 188 2.80 -15.07 -10.28
CA LEU A 188 1.41 -15.30 -9.90
C LEU A 188 1.14 -14.82 -8.47
N PHE A 189 2.12 -15.01 -7.58
CA PHE A 189 1.93 -14.54 -6.20
C PHE A 189 1.91 -13.02 -6.15
N LEU A 190 2.82 -12.36 -6.87
CA LEU A 190 2.91 -10.91 -6.82
C LEU A 190 1.64 -10.25 -7.36
N LEU A 191 1.12 -10.77 -8.47
CA LEU A 191 -0.09 -10.19 -9.05
C LEU A 191 -1.29 -10.37 -8.12
N THR A 192 -1.44 -11.56 -7.54
CA THR A 192 -2.61 -11.84 -6.71
C THR A 192 -2.51 -11.19 -5.33
N ALA A 193 -1.30 -11.00 -4.82
CA ALA A 193 -1.14 -10.30 -3.54
C ALA A 193 -1.39 -8.81 -3.69
N LEU A 194 -0.86 -8.19 -4.74
CA LEU A 194 -0.89 -6.74 -4.89
C LEU A 194 -2.15 -6.23 -5.58
N ARG A 195 -2.73 -6.99 -6.51
CA ARG A 195 -3.88 -6.55 -7.30
C ARG A 195 -5.08 -7.40 -6.93
N THR A 196 -6.10 -6.78 -6.33
CA THR A 196 -7.29 -7.53 -5.94
C THR A 196 -8.12 -7.94 -7.15
N ASP A 197 -8.03 -7.20 -8.25
CA ASP A 197 -8.78 -7.58 -9.45
C ASP A 197 -8.20 -8.85 -10.08
N VAL A 198 -6.86 -8.93 -10.15
CA VAL A 198 -6.23 -10.15 -10.64
C VAL A 198 -6.46 -11.30 -9.66
N ARG A 199 -6.45 -11.00 -8.35
CA ARG A 199 -6.70 -12.01 -7.34
C ARG A 199 -8.07 -12.63 -7.52
N GLN A 200 -9.10 -11.80 -7.71
CA GLN A 200 -10.45 -12.33 -7.91
C GLN A 200 -10.59 -12.99 -9.27
N GLN A 201 -9.84 -12.53 -10.27
CA GLN A 201 -9.91 -13.15 -11.59
C GLN A 201 -9.35 -14.57 -11.57
N LEU A 202 -8.24 -14.78 -10.88
CA LEU A 202 -7.68 -16.12 -10.75
C LEU A 202 -8.60 -17.03 -9.95
N PHE A 203 -9.27 -16.48 -8.94
CA PHE A 203 -10.17 -17.30 -8.13
C PHE A 203 -11.43 -17.65 -8.88
N GLN A 204 -12.11 -16.66 -9.45
CA GLN A 204 -13.42 -16.90 -10.06
C GLN A 204 -13.29 -17.40 -11.50
N GLU A 205 -12.85 -16.53 -12.41
CA GLU A 205 -12.86 -16.86 -13.83
C GLU A 205 -11.93 -18.02 -14.15
N LEU A 206 -10.75 -18.05 -13.54
CA LEU A 206 -9.72 -19.01 -13.90
C LEU A 206 -9.74 -20.27 -13.04
N GLN A 207 -10.63 -20.34 -12.05
CA GLN A 207 -10.74 -21.49 -11.16
C GLN A 207 -9.37 -21.87 -10.59
N GLY A 208 -8.73 -20.87 -9.96
CA GLY A 208 -7.36 -21.03 -9.50
C GLY A 208 -7.20 -22.06 -8.40
N VAL A 209 -8.22 -22.22 -7.54
CA VAL A 209 -8.12 -23.18 -6.45
C VAL A 209 -7.91 -24.58 -6.99
N ARG A 210 -8.75 -24.99 -7.95
CA ARG A 210 -8.58 -26.29 -8.58
C ARG A 210 -7.26 -26.37 -9.35
N LEU A 211 -6.88 -25.27 -10.02
CA LEU A 211 -5.65 -25.26 -10.81
C LEU A 211 -4.42 -25.41 -9.91
N LEU A 212 -4.37 -24.68 -8.80
CA LEU A 212 -3.21 -24.74 -7.91
C LEU A 212 -3.24 -25.95 -6.98
N THR A 213 -4.42 -26.49 -6.68
CA THR A 213 -4.47 -27.75 -5.95
C THR A 213 -3.87 -28.88 -6.76
N ARG A 214 -4.16 -28.90 -8.07
CA ARG A 214 -3.49 -29.85 -8.97
C ARG A 214 -1.98 -29.62 -8.96
N ALA A 215 -1.56 -28.37 -9.15
CA ALA A 215 -0.14 -28.06 -9.17
C ALA A 215 0.53 -28.40 -7.85
N LEU A 216 -0.19 -28.27 -6.74
CA LEU A 216 0.35 -28.69 -5.46
C LEU A 216 0.47 -30.21 -5.38
N GLU A 217 -0.54 -30.92 -5.90
CA GLU A 217 -0.54 -32.37 -5.84
C GLU A 217 0.64 -32.96 -6.60
N LEU A 218 1.00 -32.35 -7.74
CA LEU A 218 2.10 -32.85 -8.55
C LEU A 218 3.45 -32.45 -8.00
N THR A 219 3.54 -31.28 -7.35
CA THR A 219 4.80 -30.87 -6.72
C THR A 219 5.16 -31.79 -5.56
N LEU A 220 4.16 -32.38 -4.90
CA LEU A 220 4.39 -33.25 -3.76
C LEU A 220 4.63 -34.70 -4.16
N GLY A 221 4.08 -35.15 -5.28
CA GLY A 221 4.26 -36.52 -5.73
C GLY A 221 3.22 -37.48 -5.16
N HIS A 228 4.21 -40.38 -2.34
CA HIS A 228 4.31 -39.74 -1.03
C HIS A 228 5.72 -39.84 -0.45
N PRO A 229 6.65 -39.06 -1.00
CA PRO A 229 8.02 -39.09 -0.47
C PRO A 229 8.06 -38.62 0.98
N GLU A 230 9.03 -39.15 1.73
CA GLU A 230 9.18 -38.74 3.11
C GLU A 230 10.00 -37.46 3.26
N LEU A 231 10.69 -37.04 2.20
CA LEU A 231 11.40 -35.77 2.18
C LEU A 231 11.13 -35.07 0.86
N LEU A 232 10.84 -33.77 0.93
CA LEU A 232 10.55 -32.97 -0.25
C LEU A 232 11.83 -32.28 -0.71
N PRO A 233 12.26 -32.48 -1.96
CA PRO A 233 13.53 -31.91 -2.42
C PRO A 233 13.49 -30.38 -2.39
N PRO A 234 14.66 -29.73 -2.42
CA PRO A 234 14.69 -28.26 -2.35
C PRO A 234 13.89 -27.57 -3.45
N GLN A 235 13.99 -28.05 -4.69
CA GLN A 235 13.26 -27.41 -5.78
C GLN A 235 11.75 -27.52 -5.58
N GLU A 236 11.26 -28.74 -5.31
CA GLU A 236 9.84 -28.92 -5.09
C GLU A 236 9.35 -28.19 -3.84
N THR A 237 10.25 -27.95 -2.88
CA THR A 237 9.87 -27.21 -1.69
C THR A 237 9.58 -25.74 -2.02
N GLU A 238 10.39 -25.15 -2.91
CA GLU A 238 10.18 -23.76 -3.30
C GLU A 238 8.85 -23.58 -4.02
N ARG A 239 8.59 -24.43 -5.02
CA ARG A 239 7.39 -24.25 -5.83
C ARG A 239 6.14 -24.53 -5.01
N ALA A 240 6.19 -25.52 -4.13
CA ALA A 240 5.03 -25.84 -3.30
C ALA A 240 4.66 -24.66 -2.41
N MET A 241 5.65 -24.03 -1.79
CA MET A 241 5.37 -22.91 -0.89
C MET A 241 4.85 -21.69 -1.65
N GLU A 242 5.34 -21.46 -2.86
CA GLU A 242 4.74 -20.42 -3.70
C GLU A 242 3.29 -20.74 -4.01
N ILE A 243 3.00 -22.00 -4.35
CA ILE A 243 1.63 -22.41 -4.60
C ILE A 243 0.76 -22.18 -3.36
N LEU A 244 1.30 -22.45 -2.17
CA LEU A 244 0.55 -22.22 -0.95
C LEU A 244 0.27 -20.74 -0.74
N LYS A 245 1.27 -19.89 -1.00
CA LYS A 245 1.08 -18.46 -0.82
C LYS A 245 0.12 -17.88 -1.86
N VAL A 246 0.16 -18.39 -3.09
CA VAL A 246 -0.83 -17.98 -4.07
C VAL A 246 -2.21 -18.46 -3.66
N LEU A 247 -2.30 -19.69 -3.15
CA LEU A 247 -3.58 -20.20 -2.69
C LEU A 247 -4.12 -19.38 -1.52
N PHE A 248 -3.24 -18.88 -0.65
CA PHE A 248 -3.69 -18.04 0.45
C PHE A 248 -4.28 -16.74 -0.07
N ASN A 249 -3.68 -16.15 -1.11
CA ASN A 249 -4.15 -14.87 -1.61
C ASN A 249 -5.56 -14.98 -2.17
N ILE A 250 -5.89 -16.09 -2.82
CA ILE A 250 -7.19 -16.22 -3.48
C ILE A 250 -8.24 -16.89 -2.62
N THR A 251 -7.90 -17.31 -1.40
CA THR A 251 -8.87 -17.98 -0.53
C THR A 251 -9.11 -17.29 0.81
N PHE A 252 -8.30 -16.29 1.17
CA PHE A 252 -8.38 -15.76 2.53
C PHE A 252 -9.67 -14.98 2.77
N ASP A 253 -10.27 -14.41 1.72
CA ASP A 253 -11.49 -13.62 1.90
C ASP A 253 -12.48 -13.81 0.75
N SER A 254 -12.39 -14.93 0.02
CA SER A 254 -13.27 -15.18 -1.11
C SER A 254 -14.18 -16.37 -0.92
N ILE A 255 -13.91 -17.23 0.05
CA ILE A 255 -14.70 -18.43 0.30
C ILE A 255 -15.78 -18.09 1.31
N LYS A 256 -17.04 -18.27 0.89
CA LYS A 256 -18.15 -17.94 1.77
C LYS A 256 -18.47 -19.10 2.70
N ARG A 257 -19.28 -18.80 3.73
CA ARG A 257 -19.55 -19.76 4.79
C ARG A 257 -20.16 -21.05 4.24
N GLU A 258 -21.18 -20.94 3.40
CA GLU A 258 -21.87 -22.09 2.82
C GLU A 258 -21.39 -22.27 1.39
N VAL A 259 -20.85 -23.46 1.10
CA VAL A 259 -20.37 -23.81 -0.23
C VAL A 259 -21.21 -24.96 -0.75
N ASP A 260 -20.99 -25.31 -2.02
CA ASP A 260 -21.61 -26.47 -2.61
C ASP A 260 -20.71 -27.69 -2.40
N GLU A 261 -21.14 -28.84 -2.91
CA GLU A 261 -20.38 -30.06 -2.70
C GLU A 261 -19.18 -30.16 -3.64
N GLU A 262 -19.25 -29.49 -4.80
CA GLU A 262 -18.07 -29.42 -5.66
C GLU A 262 -16.95 -28.65 -4.99
N ASP A 263 -17.26 -27.45 -4.48
CA ASP A 263 -16.28 -26.68 -3.74
C ASP A 263 -15.85 -27.40 -2.47
N ALA A 264 -16.80 -28.03 -1.77
CA ALA A 264 -16.47 -28.76 -0.55
C ALA A 264 -15.55 -29.94 -0.84
N ALA A 265 -15.85 -30.71 -1.89
CA ALA A 265 -14.95 -31.78 -2.30
C ALA A 265 -13.63 -31.23 -2.78
N LEU A 266 -13.65 -30.06 -3.45
CA LEU A 266 -12.41 -29.43 -3.87
C LEU A 266 -11.57 -28.98 -2.69
N TYR A 267 -12.23 -28.32 -1.71
CA TYR A 267 -11.49 -27.84 -0.53
C TYR A 267 -11.04 -29.00 0.35
N ARG A 268 -11.86 -30.06 0.45
CA ARG A 268 -11.44 -31.22 1.22
C ARG A 268 -10.22 -31.88 0.60
N HIS A 269 -10.22 -32.05 -0.72
CA HIS A 269 -9.05 -32.61 -1.40
C HIS A 269 -7.83 -31.72 -1.19
N LEU A 270 -7.99 -30.41 -1.35
CA LEU A 270 -6.89 -29.49 -1.06
C LEU A 270 -6.44 -29.61 0.39
N GLY A 271 -7.38 -29.79 1.31
CA GLY A 271 -7.03 -29.98 2.70
C GLY A 271 -6.20 -31.23 2.93
N THR A 272 -6.46 -32.29 2.15
CA THR A 272 -5.69 -33.52 2.29
C THR A 272 -4.23 -33.30 1.90
N LEU A 273 -4.00 -32.51 0.86
CA LEU A 273 -2.62 -32.17 0.49
C LEU A 273 -1.95 -31.34 1.58
N LEU A 274 -2.70 -30.45 2.22
CA LEU A 274 -2.16 -29.69 3.35
C LEU A 274 -1.89 -30.59 4.53
N ARG A 275 -2.70 -31.65 4.72
CA ARG A 275 -2.40 -32.64 5.73
C ARG A 275 -1.07 -33.34 5.44
N HIS A 276 -0.81 -33.63 4.16
CA HIS A 276 0.47 -34.24 3.80
C HIS A 276 1.63 -33.29 4.07
N CYS A 277 1.46 -32.00 3.76
CA CYS A 277 2.51 -31.03 4.07
C CYS A 277 2.81 -30.98 5.55
N VAL A 278 1.76 -30.98 6.38
CA VAL A 278 1.94 -30.92 7.82
C VAL A 278 2.72 -32.13 8.31
N MET A 279 2.49 -33.30 7.71
CA MET A 279 3.19 -34.52 8.10
C MET A 279 4.50 -34.72 7.36
N LEU A 280 4.81 -33.87 6.39
CA LEU A 280 6.01 -34.01 5.57
C LEU A 280 7.17 -33.22 6.17
N ALA A 281 8.38 -33.68 5.88
CA ALA A 281 9.59 -32.96 6.19
C ALA A 281 10.17 -32.35 4.91
N ALA A 282 10.84 -31.21 5.05
CA ALA A 282 11.38 -30.48 3.92
C ALA A 282 12.90 -30.36 4.07
N ALA A 283 13.61 -30.58 2.96
CA ALA A 283 15.06 -30.52 2.99
C ALA A 283 15.54 -29.09 3.23
N GLY A 284 16.74 -28.96 3.79
CA GLY A 284 17.31 -27.66 4.03
C GLY A 284 16.77 -26.93 5.23
N ASP A 285 16.24 -27.66 6.22
CA ASP A 285 15.69 -27.07 7.45
C ASP A 285 14.58 -26.07 7.13
N ARG A 286 13.75 -26.40 6.14
CA ARG A 286 12.62 -25.58 5.77
C ARG A 286 11.28 -26.24 6.10
N THR A 287 11.31 -27.28 6.93
CA THR A 287 10.06 -27.96 7.30
C THR A 287 9.13 -27.04 8.09
N GLU A 288 9.70 -26.13 8.89
CA GLU A 288 8.86 -25.19 9.62
C GLU A 288 8.23 -24.16 8.69
N GLU A 289 8.99 -23.70 7.69
CA GLU A 289 8.47 -22.72 6.74
C GLU A 289 7.33 -23.32 5.91
N LEU A 290 7.48 -24.57 5.47
CA LEU A 290 6.42 -25.22 4.71
C LEU A 290 5.17 -25.44 5.57
N HIS A 291 5.36 -25.87 6.82
CA HIS A 291 4.22 -26.11 7.70
C HIS A 291 3.44 -24.83 7.94
N GLY A 292 4.14 -23.71 8.15
CA GLY A 292 3.47 -22.45 8.41
C GLY A 292 2.53 -22.04 7.28
N HIS A 293 2.98 -22.17 6.03
CA HIS A 293 2.13 -21.83 4.91
C HIS A 293 0.97 -22.82 4.76
N ALA A 294 1.23 -24.10 5.07
CA ALA A 294 0.16 -25.09 5.03
C ALA A 294 -0.91 -24.79 6.07
N VAL A 295 -0.49 -24.43 7.29
CA VAL A 295 -1.45 -24.12 8.34
C VAL A 295 -2.23 -22.85 8.00
N ASN A 296 -1.55 -21.81 7.50
CA ASN A 296 -2.24 -20.57 7.14
C ASN A 296 -3.30 -20.82 6.08
N LEU A 297 -3.00 -21.65 5.07
CA LEU A 297 -4.01 -21.97 4.07
C LEU A 297 -5.14 -22.79 4.66
N LEU A 298 -4.85 -23.67 5.63
CA LEU A 298 -5.91 -24.42 6.29
C LEU A 298 -6.90 -23.48 6.96
N GLY A 299 -6.42 -22.38 7.54
CA GLY A 299 -7.27 -21.43 8.22
C GLY A 299 -8.25 -20.71 7.33
N ASN A 300 -8.12 -20.87 6.01
CA ASN A 300 -9.04 -20.24 5.06
C ASN A 300 -10.12 -21.18 4.56
N LEU A 301 -9.95 -22.49 4.73
CA LEU A 301 -10.91 -23.44 4.21
C LEU A 301 -12.22 -23.37 5.01
N PRO A 302 -13.33 -23.75 4.39
CA PRO A 302 -14.57 -23.91 5.18
C PRO A 302 -14.34 -24.86 6.33
N VAL A 303 -14.93 -24.54 7.48
CA VAL A 303 -14.66 -25.28 8.71
C VAL A 303 -15.02 -26.76 8.55
N LYS A 304 -16.07 -27.05 7.79
CA LYS A 304 -16.50 -28.44 7.64
C LYS A 304 -15.45 -29.29 6.94
N CYS A 305 -14.60 -28.67 6.11
CA CYS A 305 -13.61 -29.40 5.34
C CYS A 305 -12.38 -29.80 6.15
N LEU A 306 -12.31 -29.42 7.43
CA LEU A 306 -11.18 -29.81 8.27
C LEU A 306 -11.28 -31.22 8.80
N ASP A 307 -12.37 -31.95 8.47
CA ASP A 307 -12.50 -33.33 8.94
C ASP A 307 -11.39 -34.22 8.40
N VAL A 308 -10.84 -33.90 7.24
CA VAL A 308 -9.78 -34.70 6.65
C VAL A 308 -8.55 -34.77 7.52
N LEU A 309 -8.39 -33.81 8.45
CA LEU A 309 -7.25 -33.81 9.36
C LEU A 309 -7.29 -34.97 10.34
N LEU A 310 -8.45 -35.62 10.49
CA LEU A 310 -8.60 -36.72 11.44
C LEU A 310 -8.63 -38.09 10.78
N THR A 311 -9.16 -38.18 9.57
CA THR A 311 -9.17 -39.45 8.83
C THR A 311 -7.75 -39.83 8.40
N VAL A 324 -7.10 -41.94 19.51
CA VAL A 324 -7.25 -42.77 18.33
C VAL A 324 -6.11 -42.49 17.34
N ASN A 325 -6.42 -41.72 16.30
CA ASN A 325 -5.45 -41.37 15.26
C ASN A 325 -5.24 -39.85 15.31
N MET A 326 -4.38 -39.42 16.24
CA MET A 326 -4.15 -38.01 16.49
C MET A 326 -2.76 -37.56 16.04
N ASP A 327 -2.21 -38.21 15.01
CA ASP A 327 -0.88 -37.85 14.54
C ASP A 327 -0.84 -36.44 14.00
N VAL A 328 -1.85 -36.05 13.21
CA VAL A 328 -1.89 -34.71 12.66
C VAL A 328 -2.11 -33.67 13.76
N ILE A 329 -3.08 -33.95 14.65
CA ILE A 329 -3.36 -33.04 15.74
C ILE A 329 -2.14 -32.87 16.64
N ARG A 330 -1.44 -33.97 16.93
CA ARG A 330 -0.22 -33.89 17.73
C ARG A 330 0.81 -32.98 17.07
N VAL A 331 0.97 -33.10 15.75
CA VAL A 331 1.91 -32.25 15.03
C VAL A 331 1.43 -30.80 15.03
N LEU A 332 0.12 -30.59 14.79
CA LEU A 332 -0.43 -29.24 14.86
C LEU A 332 -0.27 -28.65 16.26
N LEU A 333 -0.43 -29.47 17.30
CA LEU A 333 -0.35 -28.97 18.67
C LEU A 333 1.06 -28.50 19.01
N SER A 334 2.07 -29.29 18.62
CA SER A 334 3.45 -28.88 18.88
C SER A 334 3.89 -27.79 17.92
N PHE A 335 3.29 -27.71 16.74
CA PHE A 335 3.49 -26.57 15.86
C PHE A 335 3.06 -25.28 16.57
N MET A 336 1.88 -25.29 17.19
CA MET A 336 1.42 -24.13 17.93
C MET A 336 2.28 -23.90 19.17
N GLU A 337 2.65 -24.98 19.87
CA GLU A 337 3.41 -24.84 21.11
C GLU A 337 4.74 -24.15 20.86
N LYS A 338 5.37 -24.44 19.71
CA LYS A 338 6.63 -23.80 19.36
C LYS A 338 6.44 -22.36 18.91
N ARG A 339 5.24 -22.01 18.41
CA ARG A 339 4.97 -20.65 17.97
C ARG A 339 4.69 -19.69 19.13
N LEU A 340 4.41 -20.20 20.32
CA LEU A 340 4.07 -19.33 21.44
C LEU A 340 5.25 -18.49 21.91
N HIS A 341 6.47 -18.74 21.39
CA HIS A 341 7.61 -17.91 21.73
C HIS A 341 7.65 -16.60 20.94
N GLN A 342 6.91 -16.52 19.84
CA GLN A 342 6.87 -15.29 19.06
C GLN A 342 6.17 -14.18 19.85
N THR A 343 6.78 -13.00 19.88
CA THR A 343 6.21 -11.85 20.56
C THR A 343 5.73 -10.79 19.58
N HIS A 344 6.62 -10.30 18.71
CA HIS A 344 6.24 -9.23 17.78
C HIS A 344 5.29 -9.73 16.70
N ARG A 345 5.38 -11.02 16.36
CA ARG A 345 4.53 -11.62 15.34
C ARG A 345 3.75 -12.80 15.90
N LEU A 346 3.25 -12.64 17.14
CA LEU A 346 2.50 -13.70 17.79
C LEU A 346 1.19 -13.98 17.07
N LYS A 347 0.44 -12.93 16.74
CA LYS A 347 -0.87 -13.01 16.10
C LYS A 347 -0.87 -13.95 14.91
N GLU A 348 -0.13 -13.60 13.85
CA GLU A 348 -0.11 -14.42 12.63
C GLU A 348 0.56 -15.78 12.85
N SER A 349 1.24 -15.99 13.97
CA SER A 349 1.93 -17.24 14.21
C SER A 349 1.06 -18.30 14.89
N VAL A 350 0.14 -17.89 15.77
CA VAL A 350 -0.64 -18.85 16.55
C VAL A 350 -2.13 -18.79 16.24
N ALA A 351 -2.66 -17.67 15.77
CA ALA A 351 -4.09 -17.59 15.48
C ALA A 351 -4.57 -18.60 14.44
N PRO A 352 -3.88 -18.82 13.30
CA PRO A 352 -4.41 -19.80 12.34
C PRO A 352 -4.47 -21.22 12.90
N VAL A 353 -3.40 -21.68 13.55
CA VAL A 353 -3.39 -23.06 14.05
C VAL A 353 -4.36 -23.22 15.21
N LEU A 354 -4.48 -22.22 16.08
CA LEU A 354 -5.46 -22.28 17.15
C LEU A 354 -6.87 -22.33 16.59
N SER A 355 -7.16 -21.52 15.58
CA SER A 355 -8.47 -21.57 14.95
C SER A 355 -8.72 -22.93 14.31
N VAL A 356 -7.69 -23.54 13.73
CA VAL A 356 -7.84 -24.87 13.13
C VAL A 356 -8.05 -25.92 14.22
N LEU A 357 -7.23 -25.87 15.27
CA LEU A 357 -7.39 -26.82 16.39
C LEU A 357 -8.76 -26.66 17.03
N THR A 358 -9.23 -25.42 17.18
CA THR A 358 -10.53 -25.17 17.81
C THR A 358 -11.65 -25.82 17.02
N GLU A 359 -11.59 -25.73 15.69
CA GLU A 359 -12.67 -26.29 14.87
C GLU A 359 -12.61 -27.82 14.84
N CYS A 360 -11.41 -28.39 14.86
CA CYS A 360 -11.30 -29.84 14.96
C CYS A 360 -11.87 -30.35 16.27
N ALA A 361 -11.58 -29.65 17.37
CA ALA A 361 -12.12 -30.06 18.66
C ALA A 361 -13.62 -29.84 18.73
N ARG A 362 -14.14 -28.80 18.06
CA ARG A 362 -15.57 -28.50 18.17
C ARG A 362 -16.43 -29.51 17.43
N MET A 363 -15.94 -30.05 16.30
CA MET A 363 -16.74 -30.95 15.48
C MET A 363 -16.41 -32.43 15.69
N HIS A 364 -15.33 -32.75 16.39
CA HIS A 364 -14.88 -34.13 16.54
C HIS A 364 -14.62 -34.41 18.02
N ARG A 365 -15.44 -35.28 18.60
CA ARG A 365 -15.32 -35.57 20.04
C ARG A 365 -13.98 -36.19 20.41
N PRO A 366 -13.44 -37.18 19.68
CA PRO A 366 -12.11 -37.70 20.07
C PRO A 366 -11.00 -36.67 19.98
N ALA A 367 -11.11 -35.69 19.08
CA ALA A 367 -10.10 -34.65 19.01
C ALA A 367 -10.23 -33.68 20.19
N ARG A 368 -11.46 -33.29 20.52
CA ARG A 368 -11.71 -32.44 21.68
C ARG A 368 -11.13 -33.07 22.94
N LYS A 369 -11.39 -34.36 23.15
CA LYS A 369 -10.94 -35.02 24.37
C LYS A 369 -9.43 -35.23 24.36
N PHE A 370 -8.85 -35.53 23.19
CA PHE A 370 -7.40 -35.68 23.10
C PHE A 370 -6.71 -34.35 23.39
N LEU A 371 -7.19 -33.27 22.78
CA LEU A 371 -6.61 -31.95 23.03
C LEU A 371 -6.81 -31.52 24.47
N LYS A 372 -7.96 -31.86 25.06
CA LYS A 372 -8.19 -31.55 26.47
C LYS A 372 -7.16 -32.25 27.35
N ALA A 373 -6.85 -33.52 27.06
CA ALA A 373 -5.86 -34.24 27.84
C ALA A 373 -4.47 -33.66 27.65
N GLN A 374 -4.18 -33.12 26.47
CA GLN A 374 -2.84 -32.58 26.21
C GLN A 374 -2.69 -31.16 26.75
N VAL A 375 -3.69 -30.30 26.52
CA VAL A 375 -3.59 -28.89 26.87
C VAL A 375 -3.98 -28.64 28.33
N LEU A 376 -5.08 -29.24 28.78
CA LEU A 376 -5.62 -29.02 30.12
C LEU A 376 -5.65 -30.35 30.88
N PRO A 377 -4.50 -30.88 31.29
CA PRO A 377 -4.50 -32.11 32.07
C PRO A 377 -5.15 -31.87 33.43
N PRO A 378 -5.65 -32.91 34.09
CA PRO A 378 -6.37 -32.70 35.35
C PRO A 378 -5.47 -32.06 36.40
N LEU A 379 -6.01 -31.06 37.08
CA LEU A 379 -5.25 -30.34 38.08
C LEU A 379 -5.16 -31.14 39.37
N ARG A 380 -3.99 -31.10 40.00
CA ARG A 380 -3.83 -31.66 41.34
C ARG A 380 -3.95 -30.54 42.35
N ASP A 381 -2.87 -29.78 42.54
CA ASP A 381 -2.91 -28.60 43.38
C ASP A 381 -3.54 -27.45 42.62
N VAL A 382 -4.65 -26.93 43.14
CA VAL A 382 -5.37 -25.83 42.50
C VAL A 382 -4.94 -24.47 43.04
N ARG A 383 -3.76 -24.38 43.66
CA ARG A 383 -3.33 -23.14 44.27
C ARG A 383 -2.60 -22.22 43.30
N THR A 384 -1.69 -22.76 42.49
CA THR A 384 -0.97 -21.93 41.52
C THR A 384 -1.94 -21.36 40.49
N ARG A 385 -1.88 -20.05 40.30
CA ARG A 385 -2.76 -19.36 39.37
C ARG A 385 -2.56 -19.92 37.95
N PRO A 386 -3.62 -19.94 37.14
CA PRO A 386 -3.48 -20.42 35.76
C PRO A 386 -2.55 -19.58 34.91
N GLU A 387 -2.48 -18.27 35.14
CA GLU A 387 -1.64 -17.39 34.33
C GLU A 387 -0.18 -17.37 34.79
N VAL A 388 0.24 -18.33 35.61
CA VAL A 388 1.61 -18.41 36.09
C VAL A 388 2.15 -19.79 35.75
N GLY A 389 3.36 -19.84 35.21
CA GLY A 389 4.01 -21.08 34.83
C GLY A 389 4.40 -21.06 33.37
N GLU A 390 5.06 -22.15 32.96
CA GLU A 390 5.52 -22.31 31.59
C GLU A 390 4.85 -23.48 30.88
N LEU A 391 3.83 -24.09 31.49
CA LEU A 391 3.11 -25.16 30.84
C LEU A 391 2.23 -24.60 29.72
N LEU A 392 1.73 -25.50 28.87
CA LEU A 392 0.93 -25.07 27.72
C LEU A 392 -0.32 -24.34 28.17
N ARG A 393 -1.01 -24.86 29.18
CA ARG A 393 -2.21 -24.21 29.70
C ARG A 393 -1.89 -22.81 30.24
N ASN A 394 -0.67 -22.60 30.76
CA ASN A 394 -0.33 -21.29 31.29
C ASN A 394 -0.08 -20.28 30.19
N LYS A 395 0.63 -20.69 29.12
CA LYS A 395 0.88 -19.79 28.00
C LYS A 395 -0.43 -19.39 27.33
N LEU A 396 -1.37 -20.33 27.21
CA LEU A 396 -2.64 -20.04 26.55
C LEU A 396 -3.56 -19.18 27.40
N VAL A 397 -3.45 -19.28 28.73
CA VAL A 397 -4.28 -18.44 29.58
C VAL A 397 -3.80 -17.00 29.54
N ARG A 398 -2.47 -16.79 29.55
CA ARG A 398 -1.94 -15.43 29.46
C ARG A 398 -2.37 -14.74 28.18
N LEU A 399 -2.61 -15.50 27.11
CA LEU A 399 -3.09 -14.90 25.87
C LEU A 399 -4.54 -14.45 25.98
N MET A 400 -5.29 -14.95 26.97
CA MET A 400 -6.69 -14.56 27.13
C MET A 400 -6.84 -13.09 27.55
N THR A 401 -5.78 -12.50 28.13
CA THR A 401 -5.76 -11.08 28.45
C THR A 401 -4.71 -10.35 27.61
N HIS A 402 -4.39 -10.87 26.44
CA HIS A 402 -3.47 -10.23 25.53
C HIS A 402 -4.02 -8.87 25.10
N LEU A 403 -3.14 -8.02 24.57
CA LEU A 403 -3.58 -6.70 24.15
C LEU A 403 -4.39 -6.77 22.86
N ASP A 404 -4.01 -7.67 21.94
CA ASP A 404 -4.71 -7.83 20.68
C ASP A 404 -6.02 -8.57 20.91
N THR A 405 -7.12 -7.98 20.46
CA THR A 405 -8.43 -8.58 20.65
C THR A 405 -8.60 -9.87 19.86
N ASP A 406 -7.88 -10.05 18.76
CA ASP A 406 -7.95 -11.31 18.02
C ASP A 406 -7.28 -12.43 18.80
N VAL A 407 -6.14 -12.16 19.44
CA VAL A 407 -5.47 -13.17 20.23
C VAL A 407 -6.31 -13.58 21.44
N LYS A 408 -6.95 -12.60 22.10
CA LYS A 408 -7.80 -12.90 23.25
C LYS A 408 -8.92 -13.85 22.85
N ARG A 409 -9.64 -13.52 21.79
CA ARG A 409 -10.79 -14.33 21.38
C ARG A 409 -10.35 -15.72 20.93
N VAL A 410 -9.27 -15.80 20.16
CA VAL A 410 -8.84 -17.08 19.59
C VAL A 410 -8.33 -18.01 20.69
N ALA A 411 -7.54 -17.49 21.62
CA ALA A 411 -7.03 -18.33 22.70
C ALA A 411 -8.13 -18.75 23.66
N ALA A 412 -9.01 -17.82 24.04
CA ALA A 412 -10.08 -18.16 24.97
C ALA A 412 -11.08 -19.12 24.34
N GLU A 413 -11.41 -18.91 23.06
CA GLU A 413 -12.32 -19.84 22.38
C GLU A 413 -11.75 -21.25 22.36
N PHE A 414 -10.43 -21.38 22.22
CA PHE A 414 -9.80 -22.69 22.20
C PHE A 414 -9.99 -23.43 23.52
N LEU A 415 -9.57 -22.80 24.63
CA LEU A 415 -9.72 -23.43 25.92
C LEU A 415 -11.19 -23.63 26.29
N PHE A 416 -12.07 -22.77 25.78
CA PHE A 416 -13.49 -22.90 26.06
C PHE A 416 -14.06 -24.19 25.48
N VAL A 417 -13.74 -24.49 24.21
CA VAL A 417 -14.29 -25.69 23.60
C VAL A 417 -13.62 -26.94 24.15
N LEU A 418 -12.36 -26.84 24.58
CA LEU A 418 -11.74 -27.97 25.28
C LEU A 418 -12.44 -28.26 26.60
N CYS A 419 -13.03 -27.25 27.22
CA CYS A 419 -13.85 -27.43 28.42
C CYS A 419 -15.30 -27.75 28.08
N SER A 420 -15.59 -28.10 26.82
CA SER A 420 -16.92 -28.48 26.37
C SER A 420 -17.94 -27.37 26.61
N GLU A 421 -17.50 -26.12 26.50
CA GLU A 421 -18.33 -24.93 26.67
C GLU A 421 -19.00 -24.87 28.05
N SER A 422 -18.43 -25.55 29.04
CA SER A 422 -18.93 -25.53 30.41
C SER A 422 -18.35 -24.33 31.14
N VAL A 423 -19.22 -23.45 31.65
CA VAL A 423 -18.75 -22.23 32.28
C VAL A 423 -17.93 -22.50 33.54
N PRO A 424 -18.38 -23.33 34.50
CA PRO A 424 -17.54 -23.56 35.68
C PRO A 424 -16.26 -24.33 35.38
N ARG A 425 -16.32 -25.29 34.45
CA ARG A 425 -15.10 -25.97 34.03
C ARG A 425 -14.14 -25.01 33.36
N PHE A 426 -14.66 -24.08 32.56
CA PHE A 426 -13.83 -23.07 31.92
C PHE A 426 -13.19 -22.15 32.94
N ILE A 427 -13.94 -21.78 33.99
CA ILE A 427 -13.40 -20.94 35.05
C ILE A 427 -12.38 -21.70 35.89
N LYS A 428 -12.63 -22.99 36.12
CA LYS A 428 -11.72 -23.79 36.93
C LYS A 428 -10.33 -23.86 36.31
N TYR A 429 -10.25 -24.04 34.98
CA TYR A 429 -8.96 -24.24 34.34
C TYR A 429 -8.26 -22.94 34.00
N THR A 430 -9.00 -21.86 33.73
CA THR A 430 -8.39 -20.61 33.27
C THR A 430 -8.44 -19.50 34.30
N GLY A 431 -9.19 -19.65 35.39
CA GLY A 431 -9.36 -18.56 36.35
C GLY A 431 -10.41 -17.57 35.89
N TYR A 432 -11.19 -17.03 36.83
CA TYR A 432 -12.33 -16.21 36.44
C TYR A 432 -11.88 -14.94 35.71
N GLY A 433 -10.88 -14.24 36.25
CA GLY A 433 -10.45 -13.00 35.66
C GLY A 433 -10.05 -13.15 34.21
N ASN A 434 -9.37 -14.25 33.89
CA ASN A 434 -9.01 -14.53 32.50
C ASN A 434 -10.22 -14.98 31.69
N ALA A 435 -11.13 -15.71 32.32
CA ALA A 435 -12.32 -16.21 31.64
C ALA A 435 -13.37 -15.13 31.41
N ALA A 436 -13.29 -14.01 32.13
CA ALA A 436 -14.37 -13.03 32.12
C ALA A 436 -14.58 -12.44 30.74
N GLY A 437 -13.49 -12.24 29.98
CA GLY A 437 -13.61 -11.66 28.65
C GLY A 437 -14.52 -12.45 27.74
N LEU A 438 -14.26 -13.75 27.62
CA LEU A 438 -15.09 -14.60 26.76
C LEU A 438 -16.51 -14.70 27.29
N LEU A 439 -16.66 -14.96 28.59
CA LEU A 439 -17.99 -15.13 29.16
C LEU A 439 -18.84 -13.89 28.96
N ALA A 440 -18.22 -12.71 29.07
CA ALA A 440 -18.94 -11.47 28.85
C ALA A 440 -19.35 -11.32 27.39
N ALA A 441 -18.42 -11.60 26.47
CA ALA A 441 -18.72 -11.44 25.05
C ALA A 441 -19.83 -12.38 24.60
N ARG A 442 -19.91 -13.56 25.19
CA ARG A 442 -20.92 -14.55 24.81
C ARG A 442 -22.21 -14.43 25.63
N GLY A 443 -22.31 -13.43 26.50
CA GLY A 443 -23.51 -13.27 27.31
C GLY A 443 -23.80 -14.44 28.21
N LEU A 444 -22.76 -15.00 28.84
CA LEU A 444 -22.90 -16.16 29.71
C LEU A 444 -22.83 -15.81 31.19
N MET A 445 -22.82 -14.52 31.53
CA MET A 445 -22.82 -14.13 32.94
C MET A 445 -24.14 -14.51 33.61
N ALA A 446 -25.25 -14.19 32.98
CA ALA A 446 -26.57 -14.58 33.49
C ALA A 446 -26.89 -16.00 33.04
N ILE B 23 22.59 16.96 14.27
CA ILE B 23 22.11 17.90 13.27
C ILE B 23 23.15 19.00 13.05
N GLU B 24 23.64 19.11 11.82
CA GLU B 24 24.77 19.97 11.51
C GLU B 24 24.43 21.44 11.71
N GLU B 25 25.44 22.20 12.14
CA GLU B 25 25.36 23.65 12.21
C GLU B 25 26.11 24.26 11.04
N GLY B 26 25.68 25.45 10.62
CA GLY B 26 26.21 26.07 9.43
C GLY B 26 25.59 25.59 8.14
N LYS B 27 24.64 24.66 8.22
CA LYS B 27 23.93 24.13 7.07
C LYS B 27 22.44 24.34 7.25
N LEU B 28 21.69 24.15 6.16
CA LEU B 28 20.24 24.09 6.19
C LEU B 28 19.79 22.84 5.47
N VAL B 29 19.15 21.93 6.20
CA VAL B 29 18.57 20.71 5.65
C VAL B 29 17.07 20.90 5.61
N ILE B 30 16.48 20.73 4.43
CA ILE B 30 15.07 21.02 4.19
C ILE B 30 14.38 19.75 3.72
N TRP B 31 13.19 19.48 4.27
CA TRP B 31 12.36 18.37 3.86
C TRP B 31 11.06 18.90 3.26
N ILE B 32 10.73 18.41 2.06
CA ILE B 32 9.52 18.79 1.36
C ILE B 32 9.00 17.54 0.65
N ASN B 33 7.69 17.47 0.45
CA ASN B 33 7.10 16.27 -0.13
C ASN B 33 7.58 16.05 -1.55
N GLY B 34 7.54 14.79 -1.98
CA GLY B 34 8.10 14.40 -3.27
C GLY B 34 7.30 14.84 -4.47
N ASP B 35 6.03 15.22 -4.28
CA ASP B 35 5.20 15.71 -5.37
C ASP B 35 5.28 17.22 -5.54
N LYS B 36 6.15 17.89 -4.80
CA LYS B 36 6.33 19.33 -4.88
C LYS B 36 7.61 19.65 -5.63
N GLY B 37 7.84 20.94 -5.85
CA GLY B 37 9.00 21.38 -6.60
C GLY B 37 10.28 21.39 -5.78
N TYR B 38 10.75 20.20 -5.38
CA TYR B 38 11.97 20.15 -4.59
C TYR B 38 13.19 20.57 -5.40
N ASN B 39 13.18 20.30 -6.72
CA ASN B 39 14.26 20.82 -7.56
C ASN B 39 14.20 22.34 -7.63
N GLY B 40 13.00 22.90 -7.77
CA GLY B 40 12.88 24.35 -7.75
C GLY B 40 13.34 24.95 -6.43
N LEU B 41 13.02 24.28 -5.32
CA LEU B 41 13.49 24.75 -4.02
C LEU B 41 15.01 24.66 -3.92
N ALA B 42 15.63 23.70 -4.61
CA ALA B 42 17.07 23.61 -4.63
C ALA B 42 17.70 24.79 -5.37
N GLU B 43 16.98 25.36 -6.34
CA GLU B 43 17.47 26.56 -7.00
C GLU B 43 17.53 27.74 -6.04
N VAL B 44 16.53 27.87 -5.17
CA VAL B 44 16.55 28.92 -4.17
C VAL B 44 17.69 28.70 -3.17
N GLY B 45 18.01 27.44 -2.89
CA GLY B 45 19.17 27.16 -2.04
C GLY B 45 20.49 27.50 -2.69
N LYS B 46 20.58 27.32 -4.02
CA LYS B 46 21.78 27.72 -4.73
C LYS B 46 22.01 29.22 -4.62
N LYS B 47 20.96 30.01 -4.85
CA LYS B 47 21.08 31.46 -4.71
C LYS B 47 21.44 31.84 -3.28
N PHE B 48 20.92 31.11 -2.30
CA PHE B 48 21.27 31.36 -0.91
C PHE B 48 22.76 31.12 -0.66
N GLU B 49 23.30 30.05 -1.25
CA GLU B 49 24.72 29.78 -1.11
C GLU B 49 25.56 30.79 -1.88
N LYS B 50 25.02 31.34 -2.97
CA LYS B 50 25.77 32.30 -3.76
C LYS B 50 26.01 33.59 -2.99
N ASP B 51 25.01 34.05 -2.23
CA ASP B 51 25.14 35.30 -1.50
C ASP B 51 25.82 35.12 -0.15
N THR B 52 25.42 34.08 0.60
CA THR B 52 25.90 33.92 1.97
C THR B 52 26.98 32.86 2.13
N GLY B 53 27.16 31.98 1.14
CA GLY B 53 28.12 30.91 1.26
C GLY B 53 27.66 29.72 2.08
N ILE B 54 26.36 29.62 2.36
CA ILE B 54 25.82 28.58 3.22
C ILE B 54 25.14 27.54 2.34
N LYS B 55 25.54 26.28 2.49
CA LYS B 55 24.99 25.20 1.69
C LYS B 55 23.57 24.86 2.15
N VAL B 56 22.73 24.48 1.19
CA VAL B 56 21.34 24.14 1.44
C VAL B 56 21.05 22.81 0.77
N THR B 57 20.60 21.83 1.54
CA THR B 57 20.27 20.50 1.04
C THR B 57 18.76 20.29 1.13
N VAL B 58 18.14 19.94 0.00
CA VAL B 58 16.72 19.66 -0.08
C VAL B 58 16.52 18.16 -0.26
N GLU B 59 15.64 17.58 0.54
CA GLU B 59 15.37 16.16 0.49
C GLU B 59 13.87 15.91 0.55
N HIS B 60 13.42 14.85 -0.10
CA HIS B 60 12.01 14.48 -0.15
C HIS B 60 11.85 13.02 0.29
N PRO B 61 11.91 12.77 1.60
CA PRO B 61 11.77 11.39 2.08
C PRO B 61 10.35 10.88 1.95
N ASP B 62 10.22 9.56 1.85
CA ASP B 62 8.91 8.93 1.83
C ASP B 62 8.27 9.03 3.21
N LYS B 63 6.93 9.02 3.23
CA LYS B 63 6.16 9.15 4.46
C LYS B 63 6.66 10.33 5.28
N LEU B 64 6.72 11.49 4.63
CA LEU B 64 7.34 12.66 5.24
C LEU B 64 6.58 13.13 6.47
N GLU B 65 5.24 13.08 6.42
CA GLU B 65 4.45 13.57 7.55
C GLU B 65 4.55 12.68 8.77
N GLU B 66 4.94 11.41 8.59
CA GLU B 66 5.20 10.50 9.70
C GLU B 66 6.66 10.45 10.10
N LYS B 67 7.57 10.61 9.13
CA LYS B 67 9.01 10.53 9.42
C LYS B 67 9.46 11.70 10.30
N PHE B 68 8.90 12.89 10.09
CA PHE B 68 9.37 14.07 10.82
C PHE B 68 9.06 13.99 12.31
N PRO B 69 7.86 13.59 12.76
CA PRO B 69 7.66 13.44 14.21
C PRO B 69 8.62 12.46 14.86
N GLN B 70 8.94 11.36 14.17
CA GLN B 70 9.77 10.33 14.78
C GLN B 70 11.23 10.76 14.91
N VAL B 71 11.73 11.57 13.98
CA VAL B 71 13.13 11.98 14.01
C VAL B 71 13.34 13.35 14.66
N ALA B 72 12.32 14.21 14.68
CA ALA B 72 12.46 15.50 15.35
C ALA B 72 12.27 15.37 16.86
N ALA B 73 11.45 14.43 17.31
CA ALA B 73 11.25 14.22 18.74
C ALA B 73 12.51 13.70 19.43
N THR B 74 13.46 13.16 18.66
CA THR B 74 14.73 12.70 19.19
C THR B 74 15.84 13.75 19.04
N GLY B 75 15.55 14.88 18.40
CA GLY B 75 16.53 15.92 18.20
C GLY B 75 17.14 15.99 16.82
N ASP B 76 16.72 15.12 15.90
CA ASP B 76 17.25 15.14 14.54
C ASP B 76 16.27 15.83 13.59
N GLY B 77 16.20 15.34 12.36
CA GLY B 77 15.29 15.90 11.38
C GLY B 77 15.88 17.07 10.64
N PRO B 78 15.09 17.66 9.74
CA PRO B 78 15.59 18.78 8.93
C PRO B 78 15.57 20.08 9.71
N ASP B 79 16.29 21.07 9.18
CA ASP B 79 16.21 22.41 9.74
C ASP B 79 14.85 23.04 9.45
N ILE B 80 14.33 22.83 8.25
CA ILE B 80 13.03 23.36 7.83
C ILE B 80 12.19 22.19 7.31
N ILE B 81 10.92 22.17 7.71
CA ILE B 81 9.99 21.11 7.33
C ILE B 81 8.85 21.73 6.54
N PHE B 82 8.59 21.18 5.35
CA PHE B 82 7.52 21.64 4.47
C PHE B 82 6.38 20.63 4.49
N TRP B 83 5.16 21.11 4.71
CA TRP B 83 3.96 20.30 4.60
C TRP B 83 2.76 21.23 4.65
N ALA B 84 1.59 20.69 4.33
CA ALA B 84 0.36 21.44 4.50
C ALA B 84 0.11 21.74 5.97
N HIS B 85 -0.62 22.83 6.22
CA HIS B 85 -0.72 23.38 7.57
C HIS B 85 -1.42 22.46 8.55
N ASP B 86 -2.18 21.47 8.08
CA ASP B 86 -3.02 20.68 8.97
C ASP B 86 -2.19 19.86 9.96
N ARG B 87 -0.99 19.43 9.58
CA ARG B 87 -0.14 18.64 10.45
C ARG B 87 0.65 19.47 11.45
N PHE B 88 0.68 20.80 11.30
CA PHE B 88 1.59 21.62 12.09
C PHE B 88 1.09 21.86 13.51
N GLY B 89 -0.20 21.70 13.77
CA GLY B 89 -0.68 21.79 15.14
C GLY B 89 -0.18 20.65 15.99
N GLY B 90 -0.31 19.41 15.49
CA GLY B 90 0.25 18.27 16.19
C GLY B 90 1.76 18.38 16.38
N TYR B 91 2.44 18.95 15.38
CA TYR B 91 3.88 19.18 15.51
C TYR B 91 4.17 20.23 16.59
N ALA B 92 3.36 21.29 16.63
CA ALA B 92 3.56 22.33 17.63
C ALA B 92 3.14 21.85 19.00
N GLN B 93 2.10 21.02 19.08
CA GLN B 93 1.66 20.49 20.37
C GLN B 93 2.71 19.59 20.99
N SER B 94 3.53 18.94 20.16
CA SER B 94 4.59 18.06 20.63
C SER B 94 5.90 18.80 20.88
N GLY B 95 5.92 20.12 20.73
CA GLY B 95 7.13 20.88 20.91
C GLY B 95 8.15 20.72 19.79
N LEU B 96 7.72 20.29 18.62
CA LEU B 96 8.64 20.01 17.52
C LEU B 96 8.97 21.25 16.68
N LEU B 97 8.12 22.27 16.72
CA LEU B 97 8.29 23.47 15.91
C LEU B 97 8.77 24.63 16.77
N ALA B 98 9.65 25.45 16.20
CA ALA B 98 10.12 26.66 16.86
C ALA B 98 9.23 27.84 16.49
N GLU B 99 9.12 28.80 17.40
CA GLU B 99 8.33 29.99 17.14
C GLU B 99 8.99 30.83 16.07
N ILE B 100 8.23 31.25 15.09
CA ILE B 100 8.73 32.15 14.06
C ILE B 100 8.41 33.59 14.49
N THR B 101 9.30 34.51 14.13
CA THR B 101 9.19 35.91 14.53
C THR B 101 9.27 36.80 13.30
N PRO B 102 8.26 36.77 12.42
CA PRO B 102 8.26 37.69 11.28
C PRO B 102 7.86 39.09 11.72
N ALA B 103 8.64 40.08 11.31
CA ALA B 103 8.30 41.46 11.62
C ALA B 103 6.97 41.82 10.95
N ALA B 104 6.27 42.79 11.55
CA ALA B 104 4.98 43.21 11.00
C ALA B 104 5.11 43.69 9.57
N ALA B 105 6.29 44.19 9.19
CA ALA B 105 6.52 44.56 7.80
C ALA B 105 6.53 43.34 6.88
N PHE B 106 7.05 42.22 7.38
CA PHE B 106 7.06 41.00 6.58
C PHE B 106 5.68 40.34 6.55
N GLN B 107 4.96 40.38 7.67
CA GLN B 107 3.64 39.75 7.72
C GLN B 107 2.65 40.41 6.77
N ASP B 108 2.88 41.67 6.41
CA ASP B 108 1.99 42.36 5.49
C ASP B 108 2.25 42.01 4.04
N LYS B 109 3.40 41.39 3.73
CA LYS B 109 3.67 40.93 2.38
C LYS B 109 2.91 39.66 2.03
N LEU B 110 2.30 39.00 3.02
CA LEU B 110 1.53 37.79 2.81
C LEU B 110 0.08 38.03 3.20
N TYR B 111 -0.81 37.24 2.62
CA TYR B 111 -2.23 37.40 2.90
C TYR B 111 -2.52 37.00 4.35
N PRO B 112 -3.44 37.70 5.02
CA PRO B 112 -3.72 37.35 6.43
C PRO B 112 -4.37 36.00 6.60
N PHE B 113 -5.24 35.61 5.67
CA PHE B 113 -5.92 34.32 5.75
C PHE B 113 -4.92 33.16 5.76
N THR B 114 -3.79 33.30 5.06
CA THR B 114 -2.77 32.25 5.11
C THR B 114 -1.99 32.30 6.43
N TRP B 115 -1.82 33.48 7.01
CA TRP B 115 -1.25 33.57 8.35
C TRP B 115 -2.16 32.89 9.38
N ASP B 116 -3.47 32.86 9.12
CA ASP B 116 -4.39 32.17 10.03
C ASP B 116 -4.13 30.67 10.07
N ALA B 117 -3.80 30.09 8.91
CA ALA B 117 -3.64 28.63 8.82
C ALA B 117 -2.44 28.13 9.63
N VAL B 118 -1.46 28.99 9.89
CA VAL B 118 -0.30 28.62 10.69
C VAL B 118 -0.39 29.18 12.10
N ARG B 119 -1.59 29.56 12.54
CA ARG B 119 -1.81 30.10 13.88
C ARG B 119 -2.25 28.97 14.79
N TYR B 120 -1.39 28.59 15.74
CA TYR B 120 -1.72 27.59 16.75
C TYR B 120 -1.53 28.19 18.13
N ASN B 121 -2.61 28.22 18.92
CA ASN B 121 -2.61 28.82 20.26
C ASN B 121 -2.10 30.26 20.21
N GLY B 122 -2.61 31.02 19.24
CA GLY B 122 -2.24 32.42 19.11
C GLY B 122 -0.78 32.66 18.81
N LYS B 123 -0.04 31.64 18.36
CA LYS B 123 1.37 31.75 18.08
C LYS B 123 1.66 31.22 16.68
N LEU B 124 2.51 31.94 15.95
CA LEU B 124 2.86 31.56 14.59
C LEU B 124 3.93 30.48 14.62
N ILE B 125 3.62 29.32 14.04
CA ILE B 125 4.51 28.16 14.10
C ILE B 125 5.15 27.83 12.76
N ALA B 126 4.72 28.46 11.66
CA ALA B 126 5.27 28.15 10.35
C ALA B 126 4.98 29.30 9.41
N TYR B 127 5.79 29.39 8.36
CA TYR B 127 5.59 30.39 7.31
C TYR B 127 4.67 29.82 6.23
N PRO B 128 3.56 30.47 5.93
CA PRO B 128 2.70 29.99 4.85
C PRO B 128 3.32 30.26 3.49
N ILE B 129 3.08 29.35 2.54
CA ILE B 129 3.69 29.46 1.23
C ILE B 129 2.63 29.63 0.15
N ALA B 130 1.66 28.71 0.09
CA ALA B 130 0.69 28.75 -1.00
C ALA B 130 -0.57 27.97 -0.62
N VAL B 131 -1.69 28.41 -1.16
CA VAL B 131 -2.99 27.78 -0.94
C VAL B 131 -3.18 26.69 -1.98
N GLU B 132 -3.58 25.50 -1.52
CA GLU B 132 -3.81 24.35 -2.38
C GLU B 132 -5.27 23.91 -2.29
N ALA B 133 -5.78 23.39 -3.40
CA ALA B 133 -7.11 22.78 -3.43
C ALA B 133 -7.20 21.90 -4.66
N LEU B 134 -7.96 20.81 -4.53
CA LEU B 134 -8.13 19.90 -5.64
C LEU B 134 -9.01 20.52 -6.72
N SER B 135 -8.78 20.09 -7.96
CA SER B 135 -9.59 20.53 -9.09
C SER B 135 -9.82 19.36 -10.03
N LEU B 136 -10.81 19.52 -10.90
CA LEU B 136 -11.10 18.53 -11.93
C LEU B 136 -10.25 18.86 -13.16
N ILE B 137 -9.25 18.02 -13.42
CA ILE B 137 -8.41 18.13 -14.60
C ILE B 137 -8.96 17.18 -15.66
N TYR B 138 -9.10 17.67 -16.89
CA TYR B 138 -9.73 16.86 -17.93
C TYR B 138 -8.98 17.00 -19.25
N ASN B 139 -9.17 16.01 -20.11
CA ASN B 139 -8.52 15.95 -21.42
C ASN B 139 -9.45 16.64 -22.43
N LYS B 140 -9.01 17.81 -22.93
CA LYS B 140 -9.85 18.58 -23.86
C LYS B 140 -10.12 17.81 -25.15
N ASP B 141 -9.17 16.98 -25.60
CA ASP B 141 -9.37 16.24 -26.83
C ASP B 141 -10.37 15.09 -26.63
N LEU B 142 -10.20 14.32 -25.54
CA LEU B 142 -11.14 13.24 -25.26
C LEU B 142 -12.46 13.75 -24.73
N LEU B 143 -12.45 14.88 -24.03
CA LEU B 143 -13.64 15.40 -23.36
C LEU B 143 -13.65 16.92 -23.49
N PRO B 144 -14.20 17.45 -24.58
CA PRO B 144 -14.20 18.92 -24.75
C PRO B 144 -15.11 19.64 -23.78
N ASN B 145 -16.23 19.03 -23.39
CA ASN B 145 -17.16 19.63 -22.44
C ASN B 145 -17.16 18.80 -21.16
N PRO B 146 -16.42 19.19 -20.12
CA PRO B 146 -16.33 18.35 -18.94
C PRO B 146 -17.66 18.35 -18.18
N PRO B 147 -17.98 17.26 -17.49
CA PRO B 147 -19.26 17.18 -16.79
C PRO B 147 -19.28 18.06 -15.54
N LYS B 148 -20.50 18.47 -15.16
CA LYS B 148 -20.69 19.31 -14.00
C LYS B 148 -21.21 18.55 -12.79
N THR B 149 -21.69 17.33 -12.97
CA THR B 149 -22.20 16.51 -11.87
C THR B 149 -21.47 15.17 -11.83
N TRP B 150 -21.42 14.58 -10.64
CA TRP B 150 -20.85 13.24 -10.50
C TRP B 150 -21.72 12.18 -11.16
N GLU B 151 -23.04 12.37 -11.14
CA GLU B 151 -23.97 11.33 -11.55
C GLU B 151 -23.87 11.00 -13.05
N GLU B 152 -23.40 11.94 -13.87
CA GLU B 152 -23.25 11.66 -15.30
C GLU B 152 -21.94 10.96 -15.63
N ILE B 153 -21.03 10.82 -14.66
CA ILE B 153 -19.76 10.14 -14.93
C ILE B 153 -19.96 8.68 -15.30
N PRO B 154 -20.83 7.90 -14.64
CA PRO B 154 -21.08 6.53 -15.13
C PRO B 154 -21.50 6.47 -16.59
N ALA B 155 -22.41 7.35 -17.02
CA ALA B 155 -22.79 7.37 -18.42
C ALA B 155 -21.63 7.79 -19.31
N LEU B 156 -20.80 8.73 -18.84
CA LEU B 156 -19.68 9.19 -19.63
C LEU B 156 -18.62 8.11 -19.79
N ASP B 157 -18.34 7.37 -18.72
CA ASP B 157 -17.39 6.27 -18.81
C ASP B 157 -17.89 5.18 -19.74
N LYS B 158 -19.20 4.95 -19.78
CA LYS B 158 -19.77 4.00 -20.73
C LYS B 158 -19.48 4.44 -22.17
N GLU B 159 -19.71 5.72 -22.46
CA GLU B 159 -19.46 6.24 -23.80
C GLU B 159 -17.97 6.21 -24.15
N LEU B 160 -17.10 6.37 -23.15
CA LEU B 160 -15.67 6.42 -23.41
C LEU B 160 -15.04 5.04 -23.50
N LYS B 161 -15.64 4.03 -22.86
CA LYS B 161 -15.13 2.66 -22.98
C LYS B 161 -15.23 2.13 -24.40
N ALA B 162 -16.02 2.78 -25.26
CA ALA B 162 -16.15 2.34 -26.64
C ALA B 162 -14.92 2.65 -27.47
N LYS B 163 -14.04 3.55 -27.01
CA LYS B 163 -12.80 3.88 -27.70
C LYS B 163 -11.58 3.45 -26.90
N GLY B 164 -11.72 2.47 -26.01
CA GLY B 164 -10.60 2.00 -25.23
C GLY B 164 -10.16 2.94 -24.13
N LYS B 165 -10.98 3.92 -23.77
CA LYS B 165 -10.66 4.91 -22.77
C LYS B 165 -11.64 4.82 -21.61
N SER B 166 -11.34 5.53 -20.54
CA SER B 166 -12.23 5.63 -19.39
C SER B 166 -12.43 7.09 -19.03
N ALA B 167 -13.41 7.34 -18.16
CA ALA B 167 -13.76 8.72 -17.83
C ALA B 167 -12.86 9.28 -16.71
N LEU B 168 -12.81 8.59 -15.57
CA LEU B 168 -12.23 9.15 -14.36
C LEU B 168 -11.28 8.17 -13.69
N MET B 169 -10.12 8.69 -13.26
CA MET B 169 -9.19 7.96 -12.42
C MET B 169 -8.50 8.96 -11.50
N PHE B 170 -8.47 8.66 -10.20
CA PHE B 170 -7.71 9.48 -9.26
C PHE B 170 -7.31 8.63 -8.07
N ASN B 171 -6.39 9.17 -7.27
CA ASN B 171 -5.84 8.46 -6.12
C ASN B 171 -6.93 8.05 -5.14
N LEU B 172 -7.14 6.75 -4.99
CA LEU B 172 -8.10 6.21 -4.03
C LEU B 172 -7.43 5.64 -2.79
N GLN B 173 -6.13 5.86 -2.63
CA GLN B 173 -5.40 5.40 -1.46
C GLN B 173 -5.22 6.49 -0.41
N GLU B 174 -5.49 7.75 -0.75
CA GLU B 174 -5.43 8.85 0.19
C GLU B 174 -6.81 9.47 0.35
N PRO B 175 -7.30 9.63 1.59
CA PRO B 175 -8.64 10.21 1.77
C PRO B 175 -8.74 11.66 1.33
N TYR B 176 -7.61 12.36 1.20
CA TYR B 176 -7.62 13.74 0.73
C TYR B 176 -8.34 13.86 -0.61
N PHE B 177 -8.18 12.87 -1.49
CA PHE B 177 -8.76 12.94 -2.82
C PHE B 177 -10.22 12.51 -2.84
N THR B 178 -10.63 11.66 -1.90
CA THR B 178 -12.02 11.24 -1.83
C THR B 178 -12.88 12.23 -1.06
N TRP B 179 -12.25 12.97 -0.14
CA TRP B 179 -13.01 13.84 0.76
C TRP B 179 -13.91 14.85 0.06
N PRO B 180 -13.53 15.48 -1.07
CA PRO B 180 -14.47 16.39 -1.73
C PRO B 180 -15.82 15.75 -2.03
N LEU B 181 -15.85 14.50 -2.49
CA LEU B 181 -17.12 13.82 -2.70
C LEU B 181 -17.80 13.48 -1.38
N ILE B 182 -17.02 13.24 -0.33
CA ILE B 182 -17.57 12.87 0.96
C ILE B 182 -18.26 14.08 1.61
N ALA B 183 -17.56 15.22 1.62
CA ALA B 183 -18.05 16.41 2.30
C ALA B 183 -19.14 17.14 1.54
N ALA B 184 -19.37 16.79 0.27
CA ALA B 184 -20.28 17.56 -0.56
C ALA B 184 -21.69 17.63 0.03
N ASP B 185 -22.20 16.49 0.51
CA ASP B 185 -23.58 16.39 0.97
C ASP B 185 -23.71 16.59 2.48
N GLY B 186 -22.64 16.94 3.18
CA GLY B 186 -22.76 17.22 4.60
C GLY B 186 -21.66 16.66 5.48
N GLY B 187 -20.80 15.81 4.93
CA GLY B 187 -19.69 15.31 5.71
C GLY B 187 -18.71 16.40 6.10
N TYR B 188 -18.14 16.27 7.28
CA TYR B 188 -17.17 17.25 7.76
C TYR B 188 -16.22 16.59 8.75
N ALA B 189 -15.16 17.30 9.10
CA ALA B 189 -14.16 16.80 10.03
C ALA B 189 -14.52 17.15 11.46
N PHE B 190 -14.17 18.36 11.88
CA PHE B 190 -14.49 18.87 13.21
C PHE B 190 -15.33 20.13 13.06
N LYS B 191 -16.47 20.16 13.73
CA LYS B 191 -17.35 21.33 13.64
C LYS B 191 -16.68 22.55 14.23
N TYR B 192 -16.79 23.68 13.52
CA TYR B 192 -16.26 24.95 13.97
C TYR B 192 -17.41 25.74 14.58
N ALA B 193 -17.35 25.94 15.90
CA ALA B 193 -18.40 26.65 16.62
C ALA B 193 -17.78 27.35 17.81
N ALA B 194 -18.37 28.49 18.17
CA ALA B 194 -17.86 29.35 19.25
C ALA B 194 -16.41 29.76 19.00
N GLY B 195 -16.05 29.92 17.74
CA GLY B 195 -14.69 30.32 17.40
C GLY B 195 -13.63 29.30 17.77
N LYS B 196 -13.91 28.02 17.55
CA LYS B 196 -13.01 26.95 17.97
C LYS B 196 -13.49 25.64 17.37
N TYR B 197 -12.56 24.73 17.13
CA TYR B 197 -12.88 23.35 16.79
C TYR B 197 -13.03 22.55 18.07
N ASP B 198 -14.15 21.84 18.21
CA ASP B 198 -14.36 20.98 19.37
C ASP B 198 -14.04 19.53 19.01
N ILE B 199 -13.32 18.86 19.91
CA ILE B 199 -12.76 17.54 19.63
C ILE B 199 -13.85 16.54 19.25
N LYS B 200 -15.00 16.61 19.92
CA LYS B 200 -15.94 15.50 19.93
C LYS B 200 -17.08 15.64 18.91
N ASP B 201 -17.15 16.73 18.16
CA ASP B 201 -18.15 16.87 17.11
C ASP B 201 -17.49 16.52 15.78
N VAL B 202 -17.79 15.32 15.29
CA VAL B 202 -17.19 14.77 14.08
C VAL B 202 -18.30 14.36 13.12
N GLY B 203 -18.15 14.76 11.85
CA GLY B 203 -19.18 14.47 10.86
C GLY B 203 -18.75 13.48 9.82
N VAL B 204 -18.19 12.35 10.27
CA VAL B 204 -17.69 11.34 9.35
C VAL B 204 -18.77 10.33 8.95
N ASP B 205 -19.74 10.05 9.83
CA ASP B 205 -20.75 9.03 9.56
C ASP B 205 -22.15 9.61 9.49
N ASN B 206 -22.29 10.86 9.05
CA ASN B 206 -23.63 11.42 8.89
C ASN B 206 -24.22 10.98 7.55
N ALA B 207 -25.42 11.46 7.24
CA ALA B 207 -26.09 11.04 6.02
C ALA B 207 -25.36 11.53 4.77
N GLY B 208 -24.75 12.71 4.84
CA GLY B 208 -24.05 13.24 3.68
C GLY B 208 -22.78 12.49 3.37
N ALA B 209 -21.95 12.27 4.40
CA ALA B 209 -20.71 11.52 4.20
C ALA B 209 -20.97 10.08 3.81
N LYS B 210 -22.08 9.50 4.30
CA LYS B 210 -22.47 8.16 3.85
C LYS B 210 -22.89 8.17 2.38
N ALA B 211 -23.60 9.22 1.96
CA ALA B 211 -24.06 9.29 0.58
C ALA B 211 -22.89 9.52 -0.38
N GLY B 212 -21.93 10.35 0.02
CA GLY B 212 -20.79 10.61 -0.85
C GLY B 212 -19.90 9.39 -1.01
N LEU B 213 -19.58 8.74 0.11
CA LEU B 213 -18.74 7.54 0.05
C LEU B 213 -19.45 6.40 -0.68
N THR B 214 -20.78 6.34 -0.58
CA THR B 214 -21.52 5.29 -1.29
C THR B 214 -21.41 5.48 -2.80
N PHE B 215 -21.55 6.73 -3.27
CA PHE B 215 -21.40 6.99 -4.70
C PHE B 215 -20.01 6.62 -5.18
N LEU B 216 -18.99 6.92 -4.37
CA LEU B 216 -17.63 6.50 -4.68
C LEU B 216 -17.54 5.00 -4.83
N VAL B 217 -18.11 4.26 -3.86
CA VAL B 217 -18.04 2.80 -3.90
C VAL B 217 -18.84 2.25 -5.07
N ASP B 218 -19.96 2.90 -5.41
CA ASP B 218 -20.77 2.44 -6.53
C ASP B 218 -20.06 2.65 -7.87
N LEU B 219 -19.20 3.67 -7.98
CA LEU B 219 -18.38 3.80 -9.18
C LEU B 219 -17.44 2.62 -9.34
N ILE B 220 -16.95 2.07 -8.22
CA ILE B 220 -15.97 1.00 -8.27
C ILE B 220 -16.65 -0.34 -8.54
N LYS B 221 -17.81 -0.58 -7.93
CA LYS B 221 -18.56 -1.80 -8.21
C LYS B 221 -18.99 -1.85 -9.67
N ASN B 222 -19.46 -0.72 -10.21
CA ASN B 222 -19.84 -0.63 -11.61
C ASN B 222 -18.64 -0.56 -12.54
N LYS B 223 -17.42 -0.65 -12.00
CA LYS B 223 -16.18 -0.76 -12.78
C LYS B 223 -15.88 0.49 -13.58
N HIS B 224 -16.24 1.66 -13.05
CA HIS B 224 -15.77 2.92 -13.61
C HIS B 224 -14.49 3.40 -12.95
N MET B 225 -14.13 2.83 -11.80
CA MET B 225 -12.88 3.10 -11.13
C MET B 225 -12.42 1.83 -10.41
N ASN B 226 -11.11 1.71 -10.23
CA ASN B 226 -10.51 0.53 -9.62
C ASN B 226 -10.05 0.88 -8.21
N ALA B 227 -10.37 0.01 -7.25
CA ALA B 227 -10.03 0.29 -5.85
C ALA B 227 -8.53 0.35 -5.61
N ASP B 228 -7.72 -0.30 -6.45
CA ASP B 228 -6.28 -0.33 -6.27
C ASP B 228 -5.57 0.86 -6.90
N THR B 229 -6.30 1.84 -7.41
CA THR B 229 -5.68 2.98 -8.08
C THR B 229 -5.06 3.93 -7.05
N ASP B 230 -3.76 4.17 -7.18
CA ASP B 230 -3.03 5.08 -6.31
C ASP B 230 -2.70 6.37 -7.08
N TYR B 231 -1.78 7.16 -6.53
CA TYR B 231 -1.44 8.43 -7.17
C TYR B 231 -0.73 8.22 -8.51
N SER B 232 0.27 7.35 -8.53
CA SER B 232 1.08 7.17 -9.75
C SER B 232 0.30 6.47 -10.84
N ILE B 233 -0.61 5.56 -10.49
CA ILE B 233 -1.43 4.89 -11.50
C ILE B 233 -2.38 5.89 -12.15
N ALA B 234 -3.04 6.73 -11.34
CA ALA B 234 -3.96 7.71 -11.90
C ALA B 234 -3.22 8.74 -12.75
N GLU B 235 -2.06 9.22 -12.28
CA GLU B 235 -1.30 10.20 -13.04
C GLU B 235 -0.80 9.61 -14.35
N HIS B 236 -0.35 8.36 -14.33
CA HIS B 236 0.14 7.72 -15.54
C HIS B 236 -0.96 7.59 -16.59
N ALA B 237 -2.17 7.23 -16.16
CA ALA B 237 -3.26 7.01 -17.10
C ALA B 237 -3.67 8.33 -17.77
N PHE B 238 -3.87 9.38 -16.97
CA PHE B 238 -4.30 10.65 -17.54
C PHE B 238 -3.22 11.26 -18.43
N ASN B 239 -1.96 11.21 -17.99
CA ASN B 239 -0.88 11.83 -18.75
C ASN B 239 -0.54 11.07 -20.03
N HIS B 240 -1.06 9.85 -20.20
CA HIS B 240 -0.90 9.10 -21.44
C HIS B 240 -2.21 9.01 -22.23
N GLY B 241 -3.18 9.86 -21.89
CA GLY B 241 -4.41 9.94 -22.66
C GLY B 241 -5.33 8.75 -22.54
N GLU B 242 -5.27 8.02 -21.44
CA GLU B 242 -6.12 6.85 -21.27
C GLU B 242 -7.44 7.17 -20.57
N THR B 243 -7.42 8.03 -19.55
CA THR B 243 -8.63 8.44 -18.86
C THR B 243 -8.87 9.92 -19.11
N ALA B 244 -10.15 10.27 -19.29
CA ALA B 244 -10.52 11.63 -19.69
C ALA B 244 -10.44 12.63 -18.54
N MET B 245 -10.48 12.16 -17.30
CA MET B 245 -10.50 13.08 -16.16
C MET B 245 -9.64 12.53 -15.03
N THR B 246 -9.12 13.45 -14.22
CA THR B 246 -8.43 13.09 -12.98
C THR B 246 -8.62 14.24 -12.00
N ILE B 247 -8.53 13.92 -10.72
CA ILE B 247 -8.62 14.90 -9.65
C ILE B 247 -7.24 15.03 -9.03
N ASN B 248 -6.68 16.24 -9.04
CA ASN B 248 -5.36 16.48 -8.50
C ASN B 248 -5.20 17.96 -8.23
N GLY B 249 -4.05 18.34 -7.68
CA GLY B 249 -3.81 19.70 -7.27
C GLY B 249 -2.86 20.42 -8.19
N PRO B 250 -2.48 21.65 -7.81
CA PRO B 250 -1.62 22.46 -8.69
C PRO B 250 -0.26 21.82 -8.96
N TRP B 251 0.24 21.01 -8.03
CA TRP B 251 1.56 20.41 -8.18
C TRP B 251 1.65 19.46 -9.37
N ALA B 252 0.51 19.04 -9.92
CA ALA B 252 0.49 18.01 -10.96
C ALA B 252 0.46 18.58 -12.37
N TRP B 253 0.40 19.91 -12.52
CA TRP B 253 0.24 20.50 -13.85
C TRP B 253 1.50 20.36 -14.68
N SER B 254 2.68 20.37 -14.06
CA SER B 254 3.93 20.30 -14.81
C SER B 254 4.04 19.01 -15.59
N ASN B 255 3.76 17.87 -14.93
CA ASN B 255 3.83 16.60 -15.62
C ASN B 255 2.81 16.51 -16.76
N ILE B 256 1.67 17.17 -16.62
CA ILE B 256 0.71 17.18 -17.72
C ILE B 256 1.16 18.12 -18.82
N ASP B 257 1.85 19.21 -18.47
CA ASP B 257 2.47 20.07 -19.48
C ASP B 257 3.49 19.29 -20.29
N THR B 258 4.39 18.56 -19.62
CA THR B 258 5.42 17.80 -20.29
C THR B 258 4.83 16.72 -21.19
N SER B 259 3.69 16.15 -20.81
CA SER B 259 3.08 15.08 -21.59
C SER B 259 2.44 15.66 -22.85
N ALA B 260 1.89 14.76 -23.67
CA ALA B 260 1.22 15.15 -24.91
C ALA B 260 -0.26 15.46 -24.70
N VAL B 261 -0.68 15.68 -23.47
CA VAL B 261 -2.10 15.86 -23.15
C VAL B 261 -2.45 17.34 -23.17
N ASN B 262 -3.55 17.67 -23.86
CA ASN B 262 -4.11 19.01 -23.87
C ASN B 262 -5.21 19.06 -22.82
N TYR B 263 -4.96 19.74 -21.71
CA TYR B 263 -5.78 19.61 -20.53
C TYR B 263 -6.35 20.94 -20.08
N GLY B 264 -7.46 20.85 -19.35
CA GLY B 264 -8.03 22.01 -18.68
C GLY B 264 -8.28 21.70 -17.22
N VAL B 265 -8.28 22.75 -16.41
CA VAL B 265 -8.50 22.66 -14.97
C VAL B 265 -9.77 23.44 -14.66
N THR B 266 -10.79 22.75 -14.13
CA THR B 266 -12.10 23.33 -13.97
C THR B 266 -12.65 23.00 -12.59
N VAL B 267 -13.89 23.43 -12.34
CA VAL B 267 -14.54 23.23 -11.05
C VAL B 267 -14.92 21.77 -10.88
N LEU B 268 -14.81 21.27 -9.66
CA LEU B 268 -15.16 19.89 -9.37
C LEU B 268 -16.64 19.65 -9.67
N PRO B 269 -17.01 18.42 -10.02
CA PRO B 269 -18.43 18.12 -10.29
C PRO B 269 -19.27 18.29 -9.03
N THR B 270 -20.57 18.45 -9.23
CA THR B 270 -21.52 18.63 -8.15
C THR B 270 -22.15 17.29 -7.80
N PHE B 271 -22.18 16.99 -6.50
CA PHE B 271 -22.83 15.78 -6.00
C PHE B 271 -24.16 16.17 -5.37
N LYS B 272 -25.25 15.58 -5.88
CA LYS B 272 -26.60 15.87 -5.41
C LYS B 272 -26.92 17.36 -5.54
N GLY B 273 -26.53 17.96 -6.67
CA GLY B 273 -26.76 19.37 -6.91
C GLY B 273 -25.94 20.31 -6.05
N GLN B 274 -25.05 19.80 -5.20
CA GLN B 274 -24.24 20.60 -4.31
C GLN B 274 -22.77 20.51 -4.69
N PRO B 275 -22.01 21.59 -4.49
CA PRO B 275 -20.61 21.57 -4.91
C PRO B 275 -19.77 20.62 -4.07
N SER B 276 -18.80 19.98 -4.71
CA SER B 276 -17.81 19.22 -3.98
C SER B 276 -16.95 20.17 -3.15
N LYS B 277 -16.70 19.78 -1.90
CA LYS B 277 -16.02 20.64 -0.93
C LYS B 277 -14.64 20.09 -0.63
N PRO B 278 -13.61 20.46 -1.40
CA PRO B 278 -12.26 19.97 -1.10
C PRO B 278 -11.70 20.62 0.15
N PHE B 279 -10.81 19.90 0.81
CA PHE B 279 -10.14 20.40 2.00
C PHE B 279 -8.98 21.30 1.58
N VAL B 280 -9.08 22.59 1.89
CA VAL B 280 -8.10 23.57 1.44
C VAL B 280 -6.88 23.50 2.37
N GLY B 281 -5.71 23.29 1.78
CA GLY B 281 -4.46 23.23 2.51
C GLY B 281 -3.57 24.41 2.16
N VAL B 282 -2.77 24.83 3.13
CA VAL B 282 -1.84 25.93 2.96
C VAL B 282 -0.44 25.35 3.17
N LEU B 283 0.29 25.14 2.08
CA LEU B 283 1.67 24.69 2.17
C LEU B 283 2.47 25.63 3.06
N SER B 284 3.19 25.05 4.02
CA SER B 284 3.84 25.85 5.05
C SER B 284 5.22 25.28 5.34
N ALA B 285 6.12 26.17 5.75
CA ALA B 285 7.49 25.82 6.10
C ALA B 285 7.68 26.06 7.59
N GLY B 286 7.89 24.97 8.33
CA GLY B 286 8.14 25.05 9.76
C GLY B 286 9.61 24.93 10.07
N ILE B 287 10.03 25.55 11.17
CA ILE B 287 11.41 25.52 11.62
C ILE B 287 11.52 24.52 12.77
N ASN B 288 12.54 23.67 12.71
CA ASN B 288 12.72 22.63 13.70
C ASN B 288 13.20 23.22 15.02
N ALA B 289 12.66 22.70 16.12
CA ALA B 289 13.06 23.18 17.44
C ALA B 289 14.49 22.79 17.78
N ALA B 290 14.95 21.63 17.31
CA ALA B 290 16.30 21.15 17.58
C ALA B 290 17.33 21.75 16.64
N SER B 291 16.93 22.60 15.71
CA SER B 291 17.86 23.15 14.74
C SER B 291 18.75 24.21 15.38
N PRO B 292 20.06 24.14 15.20
CA PRO B 292 20.95 25.25 15.61
C PRO B 292 21.10 26.35 14.58
N ASN B 293 20.27 26.37 13.54
CA ASN B 293 20.33 27.35 12.48
C ASN B 293 19.00 28.08 12.32
N LYS B 294 18.34 28.35 13.46
CA LYS B 294 17.02 28.97 13.40
C LYS B 294 17.05 30.37 12.81
N GLU B 295 18.22 31.03 12.82
CA GLU B 295 18.33 32.36 12.23
C GLU B 295 18.62 32.29 10.74
N LEU B 296 19.45 31.33 10.31
CA LEU B 296 19.65 31.14 8.88
C LEU B 296 18.36 30.66 8.21
N ALA B 297 17.59 29.82 8.89
CA ALA B 297 16.31 29.38 8.36
C ALA B 297 15.35 30.55 8.19
N LYS B 298 15.41 31.52 9.09
CA LYS B 298 14.55 32.69 8.98
C LYS B 298 14.94 33.54 7.77
N GLU B 299 16.24 33.72 7.55
CA GLU B 299 16.69 34.52 6.42
C GLU B 299 16.41 33.83 5.09
N PHE B 300 16.47 32.49 5.07
CA PHE B 300 16.21 31.77 3.83
C PHE B 300 14.72 31.83 3.46
N LEU B 301 13.84 31.67 4.45
CA LEU B 301 12.42 31.64 4.16
C LEU B 301 11.85 33.03 3.91
N GLU B 302 12.39 34.07 4.54
CA GLU B 302 11.84 35.41 4.41
C GLU B 302 12.49 36.19 3.26
N ASN B 303 13.81 36.15 3.16
CA ASN B 303 14.52 36.97 2.20
C ASN B 303 14.86 36.24 0.90
N TYR B 304 14.60 34.94 0.80
CA TYR B 304 14.94 34.21 -0.40
C TYR B 304 13.75 33.44 -0.96
N LEU B 305 13.14 32.56 -0.16
CA LEU B 305 12.00 31.79 -0.65
C LEU B 305 10.78 32.68 -0.86
N LEU B 306 10.28 33.29 0.22
CA LEU B 306 9.06 34.09 0.14
C LEU B 306 9.33 35.44 -0.50
N THR B 307 9.96 35.42 -1.67
CA THR B 307 10.09 36.56 -2.57
C THR B 307 9.51 36.17 -3.93
N ASP B 308 9.52 37.12 -4.86
CA ASP B 308 9.08 36.79 -6.21
C ASP B 308 10.05 35.83 -6.88
N GLU B 309 11.35 36.01 -6.63
CA GLU B 309 12.35 35.13 -7.24
C GLU B 309 12.29 33.72 -6.66
N GLY B 310 12.17 33.62 -5.33
CA GLY B 310 12.14 32.30 -4.71
C GLY B 310 10.90 31.50 -5.09
N LEU B 311 9.74 32.16 -5.10
CA LEU B 311 8.50 31.45 -5.38
C LEU B 311 8.39 31.07 -6.85
N GLU B 312 8.87 31.92 -7.75
CA GLU B 312 8.86 31.57 -9.17
C GLU B 312 9.72 30.35 -9.44
N ALA B 313 10.89 30.27 -8.80
CA ALA B 313 11.76 29.12 -9.00
C ALA B 313 11.07 27.83 -8.60
N VAL B 314 10.35 27.84 -7.48
CA VAL B 314 9.61 26.65 -7.06
C VAL B 314 8.39 26.43 -7.93
N ASN B 315 7.65 27.51 -8.23
CA ASN B 315 6.45 27.39 -9.05
C ASN B 315 6.79 26.92 -10.47
N LYS B 316 7.97 27.31 -10.98
CA LYS B 316 8.36 26.85 -12.32
C LYS B 316 8.54 25.35 -12.36
N ASP B 317 9.05 24.77 -11.27
CA ASP B 317 9.23 23.33 -11.15
C ASP B 317 7.87 22.64 -11.09
N LYS B 318 7.18 22.81 -9.97
CA LYS B 318 5.82 22.32 -9.81
C LYS B 318 4.97 23.47 -9.29
N PRO B 319 3.84 23.78 -9.95
CA PRO B 319 3.02 24.92 -9.51
C PRO B 319 2.56 24.77 -8.07
N LEU B 320 2.61 25.89 -7.34
CA LEU B 320 2.26 25.93 -5.93
C LEU B 320 0.77 26.14 -5.68
N GLY B 321 0.08 26.81 -6.60
CA GLY B 321 -1.29 27.22 -6.40
C GLY B 321 -1.39 28.73 -6.28
N ALA B 322 -2.19 29.22 -5.34
CA ALA B 322 -2.26 30.64 -5.04
C ALA B 322 -1.26 30.94 -3.92
N VAL B 323 -0.17 31.62 -4.26
CA VAL B 323 0.90 31.81 -3.30
C VAL B 323 0.50 32.84 -2.25
N ALA B 324 1.07 32.69 -1.05
CA ALA B 324 0.72 33.60 0.04
C ALA B 324 1.30 34.99 -0.17
N LEU B 325 2.43 35.09 -0.88
CA LEU B 325 3.04 36.39 -1.12
C LEU B 325 2.19 37.20 -2.09
N LYS B 326 1.71 38.36 -1.63
CA LYS B 326 0.82 39.18 -2.45
C LYS B 326 1.45 39.55 -3.78
N SER B 327 2.72 39.97 -3.75
CA SER B 327 3.33 40.55 -4.95
C SER B 327 3.44 39.55 -6.08
N TYR B 328 3.70 38.28 -5.76
CA TYR B 328 3.82 37.28 -6.82
C TYR B 328 2.49 36.61 -7.16
N GLU B 329 1.54 36.58 -6.24
CA GLU B 329 0.21 36.07 -6.58
C GLU B 329 -0.45 36.95 -7.64
N GLU B 330 -0.07 38.22 -7.71
CA GLU B 330 -0.60 39.10 -8.74
C GLU B 330 -0.15 38.67 -10.13
N GLU B 331 1.07 38.14 -10.25
CA GLU B 331 1.57 37.71 -11.56
C GLU B 331 0.93 36.41 -12.03
N LEU B 332 0.31 35.66 -11.13
CA LEU B 332 -0.25 34.35 -11.48
C LEU B 332 -1.78 34.31 -11.48
N ALA B 333 -2.44 35.35 -10.97
CA ALA B 333 -3.87 35.27 -10.72
C ALA B 333 -4.69 35.08 -12.00
N LYS B 334 -4.20 35.58 -13.13
CA LYS B 334 -4.96 35.47 -14.37
C LYS B 334 -4.93 34.07 -14.96
N ASP B 335 -4.02 33.21 -14.50
CA ASP B 335 -3.94 31.82 -14.93
C ASP B 335 -5.30 31.15 -14.71
N PRO B 336 -5.96 30.65 -15.77
CA PRO B 336 -7.27 30.01 -15.57
C PRO B 336 -7.20 28.78 -14.67
N ARG B 337 -6.03 28.16 -14.55
CA ARG B 337 -5.88 27.03 -13.64
C ARG B 337 -5.89 27.49 -12.18
N ILE B 338 -5.28 28.65 -11.91
CA ILE B 338 -5.33 29.22 -10.57
C ILE B 338 -6.75 29.68 -10.24
N ALA B 339 -7.46 30.21 -11.22
CA ALA B 339 -8.84 30.64 -10.99
C ALA B 339 -9.73 29.45 -10.64
N ALA B 340 -9.53 28.32 -11.31
CA ALA B 340 -10.30 27.12 -10.99
C ALA B 340 -9.87 26.53 -9.64
N THR B 341 -8.59 26.68 -9.28
CA THR B 341 -8.14 26.26 -7.97
C THR B 341 -8.82 27.07 -6.85
N MET B 342 -8.98 28.38 -7.08
CA MET B 342 -9.60 29.22 -6.06
C MET B 342 -11.10 29.00 -5.99
N GLU B 343 -11.76 28.80 -7.13
CA GLU B 343 -13.18 28.51 -7.12
C GLU B 343 -13.49 27.24 -6.34
N ASN B 344 -12.68 26.20 -6.52
CA ASN B 344 -12.82 25.00 -5.71
C ASN B 344 -12.46 25.29 -4.26
N ALA B 345 -11.45 26.14 -4.03
CA ALA B 345 -11.07 26.49 -2.66
C ALA B 345 -12.19 27.26 -1.96
N GLN B 346 -12.88 28.14 -2.70
CA GLN B 346 -13.99 28.88 -2.10
C GLN B 346 -15.14 27.95 -1.72
N LYS B 347 -15.40 26.93 -2.53
CA LYS B 347 -16.48 26.00 -2.27
C LYS B 347 -16.11 24.91 -1.28
N GLY B 348 -14.89 24.92 -0.73
CA GLY B 348 -14.43 23.92 0.20
C GLY B 348 -14.33 24.45 1.62
N GLU B 349 -13.49 23.79 2.41
CA GLU B 349 -13.29 24.14 3.81
C GLU B 349 -11.79 24.18 4.09
N ILE B 350 -11.35 25.22 4.79
CA ILE B 350 -9.96 25.31 5.23
C ILE B 350 -9.72 24.24 6.29
N MET B 351 -8.73 23.39 6.05
CA MET B 351 -8.46 22.27 6.95
C MET B 351 -8.21 22.78 8.37
N PRO B 352 -8.65 22.05 9.38
CA PRO B 352 -8.20 22.35 10.75
C PRO B 352 -6.75 21.95 10.92
N ASN B 353 -6.09 22.58 11.89
CA ASN B 353 -4.72 22.23 12.24
C ASN B 353 -4.62 21.71 13.66
N ILE B 354 -5.74 21.31 14.27
CA ILE B 354 -5.75 20.78 15.63
C ILE B 354 -4.96 19.49 15.67
N PRO B 355 -4.33 19.15 16.81
CA PRO B 355 -3.56 17.89 16.87
C PRO B 355 -4.38 16.65 16.59
N GLN B 356 -5.70 16.72 16.74
CA GLN B 356 -6.56 15.58 16.42
C GLN B 356 -6.64 15.29 14.93
N MET B 357 -6.08 16.15 14.08
CA MET B 357 -6.14 15.93 12.65
C MET B 357 -5.36 14.69 12.24
N SER B 358 -4.23 14.44 12.89
CA SER B 358 -3.44 13.24 12.58
C SER B 358 -4.27 11.97 12.76
N ALA B 359 -5.01 11.88 13.87
CA ALA B 359 -5.88 10.73 14.08
C ALA B 359 -7.10 10.78 13.17
N PHE B 360 -7.53 11.97 12.77
CA PHE B 360 -8.66 12.09 11.86
C PHE B 360 -8.34 11.49 10.49
N TRP B 361 -7.20 11.87 9.92
CA TRP B 361 -6.84 11.34 8.60
C TRP B 361 -6.60 9.84 8.66
N TYR B 362 -5.98 9.35 9.73
CA TYR B 362 -5.71 7.92 9.85
C TYR B 362 -7.00 7.11 9.79
N ALA B 363 -8.05 7.61 10.44
CA ALA B 363 -9.31 6.86 10.47
C ALA B 363 -10.03 6.91 9.13
N VAL B 364 -10.05 8.08 8.48
CA VAL B 364 -10.75 8.21 7.22
C VAL B 364 -10.01 7.49 6.10
N ARG B 365 -8.68 7.44 6.16
CA ARG B 365 -7.92 6.66 5.19
C ARG B 365 -8.30 5.19 5.24
N THR B 366 -8.39 4.62 6.45
CA THR B 366 -8.81 3.23 6.58
C THR B 366 -10.26 3.04 6.11
N ALA B 367 -11.13 4.03 6.40
CA ALA B 367 -12.53 3.90 6.05
C ALA B 367 -12.73 3.91 4.54
N VAL B 368 -12.03 4.81 3.83
CA VAL B 368 -12.16 4.87 2.38
C VAL B 368 -11.66 3.58 1.73
N ILE B 369 -10.50 3.10 2.17
CA ILE B 369 -9.92 1.90 1.57
C ILE B 369 -10.80 0.69 1.83
N ASN B 370 -11.27 0.54 3.08
CA ASN B 370 -12.11 -0.62 3.41
C ASN B 370 -13.44 -0.58 2.68
N ALA B 371 -14.05 0.60 2.57
CA ALA B 371 -15.31 0.71 1.85
C ALA B 371 -15.12 0.46 0.36
N ALA B 372 -14.02 0.95 -0.20
CA ALA B 372 -13.77 0.78 -1.63
C ALA B 372 -13.41 -0.66 -1.97
N SER B 373 -12.57 -1.29 -1.14
CA SER B 373 -12.18 -2.67 -1.37
C SER B 373 -13.27 -3.67 -1.01
N GLY B 374 -14.38 -3.22 -0.43
CA GLY B 374 -15.44 -4.12 -0.04
C GLY B 374 -15.19 -4.89 1.23
N ARG B 375 -14.18 -4.50 2.02
CA ARG B 375 -13.93 -5.18 3.28
C ARG B 375 -15.00 -4.85 4.31
N GLN B 376 -15.42 -3.58 4.36
CA GLN B 376 -16.54 -3.15 5.18
C GLN B 376 -17.59 -2.51 4.28
N THR B 377 -18.79 -2.36 4.82
CA THR B 377 -19.81 -1.56 4.17
C THR B 377 -19.53 -0.08 4.39
N VAL B 378 -20.30 0.77 3.71
CA VAL B 378 -20.16 2.21 3.89
C VAL B 378 -20.46 2.59 5.33
N ASP B 379 -21.52 2.03 5.90
CA ASP B 379 -21.91 2.38 7.27
C ASP B 379 -20.89 1.86 8.28
N GLU B 380 -20.36 0.64 8.07
CA GLU B 380 -19.37 0.10 8.99
C GLU B 380 -18.09 0.94 8.98
N ALA B 381 -17.55 1.20 7.79
CA ALA B 381 -16.27 1.89 7.71
C ALA B 381 -16.35 3.30 8.32
N LEU B 382 -17.43 4.02 8.04
CA LEU B 382 -17.55 5.39 8.56
C LEU B 382 -17.87 5.38 10.05
N LYS B 383 -18.62 4.39 10.51
CA LYS B 383 -18.92 4.28 11.95
C LYS B 383 -17.65 4.10 12.76
N ASP B 384 -16.79 3.17 12.34
CA ASP B 384 -15.52 2.96 13.04
C ASP B 384 -14.62 4.18 12.97
N ALA B 385 -14.65 4.90 11.84
CA ALA B 385 -13.82 6.09 11.69
C ALA B 385 -14.28 7.21 12.61
N GLN B 386 -15.60 7.32 12.82
CA GLN B 386 -16.12 8.35 13.71
C GLN B 386 -15.64 8.14 15.14
N THR B 387 -15.76 6.91 15.64
CA THR B 387 -15.34 6.61 17.01
C THR B 387 -13.86 6.93 17.22
N ALA B 388 -13.01 6.49 16.30
CA ALA B 388 -11.59 6.74 16.43
C ALA B 388 -11.26 8.23 16.33
N ALA B 389 -11.94 8.94 15.44
CA ALA B 389 -11.66 10.37 15.27
C ALA B 389 -12.25 11.18 16.41
N ALA B 390 -13.34 10.72 17.03
CA ALA B 390 -13.92 11.44 18.15
C ALA B 390 -13.07 11.32 19.42
N HIS B 391 -12.25 10.29 19.52
CA HIS B 391 -11.44 10.04 20.71
C HIS B 391 -9.95 10.30 20.49
N ASN B 392 -9.55 10.79 19.31
CA ASN B 392 -8.16 11.06 19.00
C ASN B 392 -7.30 9.80 19.16
N VAL B 393 -7.88 8.65 18.80
CA VAL B 393 -7.23 7.36 18.96
C VAL B 393 -7.02 6.76 17.58
N LYS B 394 -6.11 5.78 17.51
CA LYS B 394 -5.78 5.10 16.26
C LYS B 394 -6.00 3.60 16.45
N PHE B 395 -6.96 3.05 15.70
CA PHE B 395 -7.22 1.62 15.73
C PHE B 395 -6.16 0.85 14.96
N VAL B 396 -4.95 0.76 15.50
CA VAL B 396 -3.87 0.02 14.85
C VAL B 396 -4.18 -1.46 14.96
N PHE B 397 -5.06 -1.96 14.09
CA PHE B 397 -5.52 -3.35 14.21
C PHE B 397 -4.79 -4.29 13.27
N ASP B 398 -5.17 -4.31 12.00
CA ASP B 398 -4.68 -5.26 10.99
C ASP B 398 -5.11 -6.68 11.33
N ALA B 399 -5.96 -7.26 10.48
CA ALA B 399 -6.43 -8.62 10.69
C ALA B 399 -5.32 -9.63 10.38
N VAL B 400 -5.54 -10.88 10.81
CA VAL B 400 -4.51 -11.91 10.67
C VAL B 400 -4.22 -12.20 9.20
N THR B 401 -5.29 -12.30 8.39
CA THR B 401 -5.09 -12.58 6.97
C THR B 401 -4.36 -11.46 6.27
N ASP B 402 -4.58 -10.21 6.69
CA ASP B 402 -3.84 -9.09 6.10
C ASP B 402 -2.38 -9.12 6.49
N ILE B 403 -2.08 -9.57 7.72
CA ILE B 403 -0.69 -9.62 8.16
C ILE B 403 0.08 -10.69 7.39
N ILE B 404 -0.58 -11.81 7.09
CA ILE B 404 0.09 -12.91 6.41
C ILE B 404 0.44 -12.51 4.98
N ILE B 405 -0.47 -11.83 4.28
CA ILE B 405 -0.20 -11.39 2.92
C ILE B 405 0.93 -10.35 2.92
N LYS B 406 0.87 -9.39 3.83
CA LYS B 406 1.91 -8.37 3.90
C LYS B 406 3.25 -8.97 4.26
N GLU B 407 3.26 -10.07 5.01
CA GLU B 407 4.53 -10.71 5.36
C GLU B 407 5.04 -11.57 4.21
N ASN B 408 4.15 -12.24 3.50
CA ASN B 408 4.56 -12.98 2.31
C ASN B 408 5.08 -12.04 1.23
N LEU B 409 4.45 -10.88 1.09
CA LEU B 409 4.96 -9.86 0.16
C LEU B 409 6.31 -9.34 0.60
N LYS B 410 6.46 -9.06 1.90
CA LYS B 410 7.73 -8.55 2.41
C LYS B 410 8.86 -9.56 2.22
N ASP B 411 8.54 -10.85 2.19
CA ASP B 411 9.56 -11.87 1.95
C ASP B 411 10.04 -11.89 0.50
N CYS B 412 9.39 -11.17 -0.40
CA CYS B 412 9.75 -11.17 -1.81
C CYS B 412 10.75 -10.06 -2.09
N GLY B 413 11.92 -10.44 -2.62
CA GLY B 413 12.96 -9.50 -2.97
C GLY B 413 13.14 -9.39 -4.47
N LEU B 414 14.14 -8.60 -4.85
CA LEU B 414 14.46 -8.38 -6.25
C LEU B 414 15.41 -9.45 -6.75
N PHE B 415 15.36 -9.70 -8.06
CA PHE B 415 16.28 -10.64 -8.69
C PHE B 415 17.17 -9.91 -9.69
C1 GLC C . -0.53 16.77 -1.44
C2 GLC C . -1.10 17.90 -0.60
C3 GLC C . -1.31 17.43 0.84
C4 GLC C . -2.16 16.17 0.85
C5 GLC C . -1.55 15.12 -0.08
C6 GLC C . -2.46 13.89 -0.15
O1 GLC C . 0.74 16.42 -0.95
O2 GLC C . -0.22 19.01 -0.62
O3 GLC C . -1.93 18.46 1.59
O4 GLC C . -2.25 15.64 2.16
O5 GLC C . -1.39 15.65 -1.38
O6 GLC C . -1.71 12.78 -0.59
C1 GLC C . -3.41 15.98 2.91
C2 GLC C . -2.99 16.44 4.30
C3 GLC C . -2.28 15.30 5.02
C4 GLC C . -3.19 14.08 5.05
C5 GLC C . -3.67 13.72 3.66
C6 GLC C . -4.72 12.62 3.73
O2 GLC C . -2.15 17.56 4.21
O3 GLC C . -1.95 15.68 6.33
O4 GLC C . -2.48 12.98 5.59
O5 GLC C . -4.26 14.85 3.03
O6 GLC C . -4.85 12.00 2.48
#